data_1TEX
#
_entry.id   1TEX
#
_cell.length_a   101.929
_cell.length_b   101.929
_cell.length_c   228.212
_cell.angle_alpha   90.00
_cell.angle_beta   90.00
_cell.angle_gamma   120.00
#
_symmetry.space_group_name_H-M   'P 32 2 1'
#
loop_
_entity.id
_entity.type
_entity.pdbx_description
1 polymer 'Stf0 Sulfotransferase'
2 branched alpha-D-glucopyranose-(1-1)-alpha-D-glucopyranose
3 water water
#
_entity_poly.entity_id   1
_entity_poly.type   'polypeptide(L)'
_entity_poly.pdbx_seq_one_letter_code
;MGSSHHHHHHSSGLVPRGSHMSDHPTAYLVLASQRSGSTLLVESLRATGVAGEPQEFFQYLPNTSMSPQPREWFADVEDQ
SILRLLDPLIEGKPDLAPATIWRDYIQTVGRTPNGVWGGKLMWNQTPLLVQRAKDLPDRSGSGLLSAIRDVVGSDPVLIH
IHRPDVVSQAVSFWRAVQTRVWRGRPDPVRDARAEYHAGAIAHVITMLRAQEEGWRAWFTEENVEPIDVDYPYLWRNLTE
VVGTVLEALGQDPRLAPKPVLERQADQRSDEWVERYRRDAQRDGLPL
;
_entity_poly.pdbx_strand_id   A,B,C,D
#
# COMPACT_ATOMS: atom_id res chain seq x y z
N ASP A 23 25.39 -37.39 9.67
CA ASP A 23 26.85 -37.52 9.34
C ASP A 23 27.18 -36.63 8.10
N HIS A 24 26.55 -35.45 8.08
CA HIS A 24 26.72 -34.46 7.00
C HIS A 24 28.16 -33.84 6.89
N PRO A 25 28.75 -33.82 5.68
CA PRO A 25 29.81 -32.84 5.37
C PRO A 25 29.07 -31.52 5.12
N THR A 26 29.50 -30.41 5.71
CA THR A 26 28.59 -29.29 5.82
C THR A 26 29.11 -28.05 5.05
N ALA A 27 29.81 -28.33 3.95
CA ALA A 27 30.42 -27.29 3.18
C ALA A 27 30.78 -27.80 1.81
N TYR A 28 30.56 -26.99 0.76
CA TYR A 28 31.03 -27.35 -0.59
C TYR A 28 31.82 -26.26 -1.30
N LEU A 29 32.92 -26.62 -1.95
CA LEU A 29 33.51 -25.75 -2.97
C LEU A 29 33.07 -26.15 -4.36
N VAL A 30 32.95 -25.19 -5.26
CA VAL A 30 32.85 -25.51 -6.66
C VAL A 30 34.13 -25.04 -7.25
N LEU A 31 34.95 -25.98 -7.72
CA LEU A 31 36.25 -25.67 -8.34
C LEU A 31 36.05 -25.59 -9.83
N ALA A 32 36.51 -24.52 -10.46
CA ALA A 32 36.17 -24.29 -11.85
C ALA A 32 37.02 -23.22 -12.51
N SER A 33 36.43 -22.48 -13.45
CA SER A 33 37.17 -21.52 -14.26
C SER A 33 36.19 -20.49 -14.75
N GLN A 34 36.68 -19.29 -15.07
CA GLN A 34 35.80 -18.13 -15.38
C GLN A 34 34.75 -18.38 -16.48
N ARG A 35 33.49 -18.22 -16.16
CA ARG A 35 32.44 -18.42 -17.15
C ARG A 35 32.31 -19.87 -17.60
N SER A 36 32.49 -20.82 -16.68
CA SER A 36 32.00 -22.16 -16.88
C SER A 36 30.59 -22.17 -16.35
N GLY A 37 30.02 -23.36 -16.17
CA GLY A 37 28.71 -23.48 -15.52
C GLY A 37 28.71 -22.92 -14.11
N SER A 38 29.92 -22.78 -13.56
CA SER A 38 30.22 -22.38 -12.18
C SER A 38 29.18 -21.54 -11.49
N THR A 39 28.89 -20.37 -12.08
CA THR A 39 27.96 -19.38 -11.52
C THR A 39 26.52 -19.83 -11.58
N LEU A 40 26.21 -20.68 -12.54
CA LEU A 40 24.81 -21.06 -12.77
C LEU A 40 24.42 -22.11 -11.73
N LEU A 41 25.37 -22.99 -11.43
CA LEU A 41 25.19 -24.02 -10.42
C LEU A 41 25.02 -23.35 -9.08
N VAL A 42 26.00 -22.51 -8.79
CA VAL A 42 26.15 -21.95 -7.49
C VAL A 42 24.90 -21.15 -7.14
N GLU A 43 24.42 -20.32 -8.06
CA GLU A 43 23.25 -19.50 -7.76
C GLU A 43 21.99 -20.30 -7.54
N SER A 44 21.88 -21.43 -8.22
CA SER A 44 20.73 -22.30 -8.05
C SER A 44 20.66 -22.82 -6.62
N LEU A 45 21.77 -23.42 -6.17
CA LEU A 45 22.00 -23.78 -4.79
C LEU A 45 21.66 -22.66 -3.81
N ARG A 46 22.07 -21.45 -4.13
CA ARG A 46 21.73 -20.33 -3.28
C ARG A 46 20.24 -20.13 -3.17
N ALA A 47 19.52 -20.42 -4.24
CA ALA A 47 18.08 -20.25 -4.15
C ALA A 47 17.47 -21.22 -3.14
N THR A 48 18.14 -22.35 -2.91
CA THR A 48 17.65 -23.34 -1.96
C THR A 48 17.36 -22.78 -0.60
N GLY A 49 18.20 -21.87 -0.13
CA GLY A 49 18.08 -21.34 1.22
C GLY A 49 18.73 -22.28 2.21
N VAL A 50 19.53 -23.20 1.69
CA VAL A 50 19.96 -24.36 2.42
C VAL A 50 21.40 -24.77 2.07
N ALA A 51 22.01 -24.06 1.12
CA ALA A 51 23.39 -24.29 0.74
C ALA A 51 24.23 -23.00 0.73
N GLY A 52 24.09 -22.23 1.80
CA GLY A 52 24.97 -21.12 2.10
C GLY A 52 24.92 -20.08 1.01
N GLU A 53 25.92 -19.19 0.99
CA GLU A 53 25.92 -18.01 0.13
C GLU A 53 27.25 -18.01 -0.57
N PRO A 54 27.32 -18.85 -1.60
CA PRO A 54 28.57 -19.21 -2.22
C PRO A 54 29.13 -18.09 -3.07
N GLN A 55 29.97 -17.24 -2.50
CA GLN A 55 30.60 -16.15 -3.27
C GLN A 55 31.90 -16.64 -3.79
N GLU A 56 32.57 -15.80 -4.55
CA GLU A 56 33.88 -16.16 -4.97
C GLU A 56 34.90 -15.55 -3.96
N PHE A 57 34.92 -16.05 -2.73
CA PHE A 57 35.67 -15.36 -1.64
C PHE A 57 37.17 -15.24 -1.89
N PHE A 58 37.70 -16.05 -2.81
CA PHE A 58 39.13 -16.12 -2.97
C PHE A 58 39.67 -15.24 -4.08
N GLN A 59 38.79 -14.50 -4.74
CA GLN A 59 39.17 -13.80 -5.96
C GLN A 59 39.86 -12.46 -5.76
N TYR A 60 39.74 -11.85 -4.58
CA TYR A 60 40.14 -10.44 -4.38
C TYR A 60 41.61 -10.34 -4.20
N LEU A 61 42.25 -9.43 -4.92
CA LEU A 61 43.69 -9.29 -4.86
C LEU A 61 44.01 -8.46 -3.68
N PRO A 62 45.16 -8.67 -3.06
CA PRO A 62 45.56 -7.94 -1.86
C PRO A 62 45.91 -6.46 -2.04
N ASN A 63 46.39 -6.06 -3.20
CA ASN A 63 46.82 -4.71 -3.36
C ASN A 63 45.66 -3.79 -3.67
N THR A 64 44.63 -4.34 -4.32
CA THR A 64 43.53 -3.53 -4.72
C THR A 64 42.33 -3.84 -3.89
N SER A 65 42.29 -5.04 -3.31
CA SER A 65 41.06 -5.54 -2.67
C SER A 65 39.87 -5.57 -3.62
N MET A 66 40.13 -5.89 -4.89
CA MET A 66 39.04 -6.14 -5.81
C MET A 66 39.41 -7.28 -6.70
N SER A 67 38.48 -7.78 -7.51
CA SER A 67 38.77 -8.85 -8.45
C SER A 67 39.77 -8.36 -9.50
N PRO A 68 40.45 -9.28 -10.19
CA PRO A 68 41.43 -8.87 -11.21
C PRO A 68 40.72 -8.03 -12.23
N GLN A 69 41.32 -6.96 -12.73
CA GLN A 69 40.62 -6.16 -13.71
C GLN A 69 41.33 -6.29 -15.05
N PRO A 70 40.59 -6.13 -16.15
CA PRO A 70 41.11 -6.33 -17.51
C PRO A 70 42.59 -6.06 -17.67
N ARG A 71 43.01 -4.82 -17.46
CA ARG A 71 44.41 -4.45 -17.68
C ARG A 71 45.37 -5.32 -16.86
N GLU A 72 44.79 -6.11 -15.99
CA GLU A 72 45.52 -6.89 -15.01
C GLU A 72 45.63 -8.27 -15.53
N TRP A 73 44.51 -8.77 -16.08
CA TRP A 73 44.53 -10.06 -16.75
C TRP A 73 45.56 -10.02 -17.91
N PHE A 74 45.29 -9.22 -18.91
CA PHE A 74 46.14 -9.16 -20.08
C PHE A 74 47.46 -8.42 -19.88
N ALA A 75 48.20 -8.72 -18.80
CA ALA A 75 49.50 -8.06 -18.64
C ALA A 75 50.73 -8.87 -19.12
N ASP A 76 50.57 -9.62 -20.21
CA ASP A 76 51.75 -10.10 -21.03
C ASP A 76 51.39 -10.51 -22.47
N GLU A 78 51.35 -7.32 -24.24
CA GLU A 78 52.48 -6.82 -25.00
C GLU A 78 52.01 -6.33 -26.34
N ASP A 79 50.89 -5.62 -26.37
CA ASP A 79 50.19 -5.33 -27.62
C ASP A 79 49.03 -4.31 -27.49
N GLN A 80 49.29 -3.07 -27.88
CA GLN A 80 48.30 -2.00 -27.83
C GLN A 80 47.02 -2.26 -28.66
N SER A 81 46.91 -3.48 -29.21
CA SER A 81 45.69 -3.88 -29.92
C SER A 81 44.61 -4.32 -28.94
N ILE A 82 45.03 -4.93 -27.82
CA ILE A 82 44.10 -5.26 -26.72
C ILE A 82 44.00 -4.15 -25.68
N LEU A 83 45.15 -3.75 -25.13
CA LEU A 83 45.25 -2.64 -24.18
C LEU A 83 44.49 -1.34 -24.57
N ARG A 84 43.52 -1.46 -25.45
CA ARG A 84 42.80 -0.31 -25.96
C ARG A 84 41.33 -0.69 -25.93
N LEU A 85 41.08 -1.98 -25.87
CA LEU A 85 39.73 -2.47 -25.68
C LEU A 85 39.39 -2.55 -24.18
N LEU A 86 40.41 -2.38 -23.33
CA LEU A 86 40.28 -2.67 -21.89
C LEU A 86 40.21 -1.41 -21.04
N ASP A 87 39.11 -1.26 -20.28
CA ASP A 87 38.95 -0.20 -19.29
C ASP A 87 40.24 -0.07 -18.50
N PRO A 88 40.63 1.14 -18.10
CA PRO A 88 41.95 1.35 -17.48
C PRO A 88 41.98 1.02 -15.99
N LEU A 89 43.19 0.78 -15.46
CA LEU A 89 43.36 0.28 -14.11
C LEU A 89 42.88 1.23 -13.05
N ILE A 90 41.77 0.87 -12.40
CA ILE A 90 41.36 1.50 -11.14
C ILE A 90 42.33 0.99 -10.13
N GLU A 91 42.38 1.56 -8.95
CA GLU A 91 43.40 1.13 -8.01
C GLU A 91 42.97 0.72 -6.56
N GLY A 92 41.66 0.77 -6.25
CA GLY A 92 41.11 0.19 -5.01
C GLY A 92 41.92 0.45 -3.73
N LYS A 93 42.10 -0.56 -2.89
CA LYS A 93 42.90 -0.36 -1.67
C LYS A 93 43.49 -1.65 -1.02
N PRO A 94 44.48 -1.48 -0.15
CA PRO A 94 45.18 -2.63 0.47
C PRO A 94 44.24 -3.45 1.41
N ASP A 95 44.28 -4.77 1.30
CA ASP A 95 43.47 -5.62 2.14
C ASP A 95 44.24 -5.79 3.43
N LEU A 96 43.80 -5.09 4.47
CA LEU A 96 44.50 -5.03 5.73
C LEU A 96 43.91 -6.00 6.78
N ALA A 97 43.17 -7.00 6.33
CA ALA A 97 42.56 -7.92 7.26
C ALA A 97 43.55 -9.00 7.66
N PRO A 98 43.83 -9.19 8.94
CA PRO A 98 44.60 -10.37 9.33
C PRO A 98 43.90 -11.61 8.81
N ALA A 99 44.65 -12.69 8.64
CA ALA A 99 44.10 -13.89 8.06
C ALA A 99 42.99 -14.46 8.93
N THR A 100 43.13 -14.32 10.23
CA THR A 100 42.15 -14.90 11.14
C THR A 100 40.79 -14.26 10.83
N ILE A 101 40.77 -12.95 10.81
CA ILE A 101 39.56 -12.21 10.46
C ILE A 101 39.08 -12.51 9.04
N TRP A 102 39.99 -12.56 8.09
CA TRP A 102 39.62 -12.93 6.72
C TRP A 102 38.85 -14.26 6.66
N ARG A 103 39.38 -15.29 7.33
CA ARG A 103 38.73 -16.58 7.35
C ARG A 103 37.47 -16.64 8.20
N ASP A 104 37.42 -15.86 9.28
CA ASP A 104 36.20 -15.81 10.08
C ASP A 104 35.10 -15.27 9.20
N TYR A 105 35.33 -14.12 8.57
CA TYR A 105 34.36 -13.53 7.65
C TYR A 105 33.89 -14.44 6.58
N ILE A 106 34.79 -15.17 5.94
CA ILE A 106 34.39 -16.03 4.85
C ILE A 106 33.54 -17.12 5.39
N GLN A 107 33.77 -17.48 6.64
CA GLN A 107 33.10 -18.62 7.20
C GLN A 107 31.70 -18.16 7.55
N THR A 108 31.56 -16.96 8.10
CA THR A 108 30.23 -16.64 8.46
C THR A 108 29.41 -16.26 7.22
N VAL A 109 29.88 -15.32 6.40
CA VAL A 109 29.14 -14.86 5.23
C VAL A 109 28.74 -15.97 4.25
N GLY A 110 29.58 -16.99 4.09
CA GLY A 110 29.23 -18.13 3.24
C GLY A 110 28.27 -19.20 3.77
N ARG A 111 27.83 -19.06 5.02
CA ARG A 111 26.99 -20.05 5.66
C ARG A 111 25.53 -19.67 5.53
N THR A 112 24.60 -20.64 5.50
CA THR A 112 23.18 -20.34 5.78
C THR A 112 22.87 -20.60 7.24
N PRO A 113 21.66 -20.27 7.67
CA PRO A 113 21.26 -20.53 9.06
C PRO A 113 21.31 -22.00 9.40
N ASN A 114 21.19 -22.90 8.44
CA ASN A 114 21.16 -24.29 8.75
C ASN A 114 22.56 -24.72 9.05
N GLY A 115 23.52 -23.86 8.75
CA GLY A 115 24.90 -24.09 9.07
C GLY A 115 25.70 -24.61 7.93
N VAL A 116 25.11 -24.79 6.74
CA VAL A 116 25.92 -25.17 5.56
C VAL A 116 26.73 -23.97 4.99
N TRP A 117 27.94 -24.21 4.49
CA TRP A 117 28.73 -23.16 3.86
C TRP A 117 28.99 -23.53 2.40
N GLY A 118 28.93 -22.55 1.50
CA GLY A 118 29.22 -22.85 0.11
C GLY A 118 30.19 -21.85 -0.40
N GLY A 119 30.86 -22.12 -1.52
CA GLY A 119 31.69 -21.12 -2.13
C GLY A 119 32.21 -21.53 -3.48
N LYS A 120 33.01 -20.68 -4.13
CA LYS A 120 33.52 -20.99 -5.44
C LYS A 120 34.97 -20.76 -5.40
N LEU A 121 35.72 -21.51 -6.18
CA LEU A 121 37.17 -21.36 -6.28
C LEU A 121 37.59 -21.61 -7.69
N MET A 122 38.67 -20.98 -8.15
CA MET A 122 38.99 -20.93 -9.56
C MET A 122 40.47 -21.04 -9.67
N TRP A 123 40.97 -21.87 -10.59
CA TRP A 123 42.35 -22.29 -10.46
C TRP A 123 43.28 -21.09 -10.31
N ASN A 124 42.90 -19.96 -10.90
CA ASN A 124 43.82 -18.83 -10.91
C ASN A 124 43.94 -18.20 -9.54
N GLN A 125 42.94 -18.50 -8.72
CA GLN A 125 42.92 -18.00 -7.37
C GLN A 125 43.64 -18.89 -6.37
N THR A 126 44.01 -20.11 -6.76
CA THR A 126 44.48 -21.05 -5.78
C THR A 126 45.75 -20.57 -5.06
N PRO A 127 46.70 -19.96 -5.76
CA PRO A 127 47.87 -19.39 -5.07
C PRO A 127 47.51 -18.30 -4.09
N LEU A 128 46.52 -17.48 -4.37
CA LEU A 128 46.05 -16.51 -3.38
C LEU A 128 45.63 -17.16 -2.08
N LEU A 129 44.70 -18.13 -2.17
CA LEU A 129 44.26 -18.92 -1.03
C LEU A 129 45.41 -19.34 -0.18
N VAL A 130 46.45 -19.90 -0.81
CA VAL A 130 47.51 -20.54 -0.09
C VAL A 130 48.38 -19.48 0.54
N GLN A 131 48.57 -18.42 -0.20
CA GLN A 131 49.42 -17.38 0.29
C GLN A 131 48.73 -16.74 1.51
N ARG A 132 47.41 -16.74 1.49
CA ARG A 132 46.64 -16.08 2.49
C ARG A 132 46.55 -16.96 3.72
N ALA A 133 46.51 -18.28 3.53
CA ALA A 133 46.31 -19.22 4.63
C ALA A 133 47.57 -19.41 5.47
N LYS A 134 48.71 -19.02 4.94
CA LYS A 134 49.96 -19.28 5.64
C LYS A 134 49.99 -18.69 7.04
N ASP A 135 49.29 -17.59 7.27
CA ASP A 135 49.30 -17.02 8.59
C ASP A 135 48.16 -17.51 9.49
N LEU A 136 47.50 -18.60 9.15
CA LEU A 136 46.47 -19.09 10.01
C LEU A 136 47.13 -19.85 11.15
N PRO A 137 46.82 -19.48 12.39
CA PRO A 137 47.35 -20.13 13.60
C PRO A 137 47.41 -21.65 13.63
N ASP A 138 46.53 -22.31 12.92
CA ASP A 138 46.43 -23.76 13.13
C ASP A 138 46.74 -24.56 11.90
N ARG A 139 47.71 -24.09 11.12
CA ARG A 139 47.85 -24.56 9.76
C ARG A 139 48.00 -26.03 9.81
N SER A 140 47.14 -26.73 9.10
CA SER A 140 47.04 -28.18 9.24
C SER A 140 47.93 -28.89 8.29
N GLY A 141 48.72 -28.14 7.54
CA GLY A 141 49.41 -28.70 6.40
C GLY A 141 50.01 -27.61 5.54
N SER A 142 50.40 -27.94 4.32
CA SER A 142 51.12 -26.93 3.59
C SER A 142 50.66 -26.68 2.17
N GLY A 143 49.78 -27.54 1.68
CA GLY A 143 49.32 -27.37 0.32
C GLY A 143 47.95 -26.75 0.19
N LEU A 144 47.40 -26.80 -1.03
CA LEU A 144 46.10 -26.23 -1.36
C LEU A 144 45.01 -26.87 -0.55
N LEU A 145 45.06 -28.19 -0.42
CA LEU A 145 43.90 -28.88 0.10
C LEU A 145 43.75 -28.70 1.61
N SER A 146 44.86 -28.64 2.34
CA SER A 146 44.75 -28.33 3.77
C SER A 146 44.38 -26.86 3.98
N ALA A 147 44.89 -25.99 3.09
CA ALA A 147 44.41 -24.63 2.95
C ALA A 147 42.89 -24.63 2.84
N ILE A 148 42.33 -25.34 1.87
CA ILE A 148 40.90 -25.32 1.76
C ILE A 148 40.28 -25.64 3.12
N ARG A 149 40.80 -26.66 3.79
CA ARG A 149 40.14 -27.19 5.00
C ARG A 149 40.28 -26.24 6.12
N ASP A 150 41.45 -25.65 6.23
CA ASP A 150 41.70 -24.76 7.33
C ASP A 150 40.85 -23.50 7.18
N VAL A 151 40.55 -23.12 5.93
CA VAL A 151 39.76 -21.92 5.66
C VAL A 151 38.29 -22.16 5.84
N VAL A 152 37.75 -23.28 5.33
CA VAL A 152 36.29 -23.52 5.45
C VAL A 152 35.88 -24.10 6.79
N GLY A 153 36.89 -24.41 7.59
CA GLY A 153 36.75 -25.07 8.87
C GLY A 153 36.25 -26.50 8.77
N SER A 154 36.29 -27.10 7.58
CA SER A 154 35.80 -28.48 7.40
C SER A 154 36.27 -29.10 6.10
N ASP A 155 35.59 -30.16 5.70
CA ASP A 155 35.92 -30.93 4.54
C ASP A 155 34.87 -30.76 3.48
N PRO A 156 35.13 -29.92 2.50
CA PRO A 156 34.08 -29.55 1.57
C PRO A 156 33.89 -30.60 0.49
N VAL A 157 32.64 -30.98 0.27
CA VAL A 157 32.27 -31.74 -0.93
C VAL A 157 32.78 -30.99 -2.13
N LEU A 158 33.67 -31.61 -2.91
CA LEU A 158 34.13 -30.99 -4.14
C LEU A 158 33.20 -31.21 -5.30
N ILE A 159 32.86 -30.13 -5.98
CA ILE A 159 32.22 -30.18 -7.29
C ILE A 159 33.15 -29.47 -8.27
N HIS A 160 33.40 -30.10 -9.41
CA HIS A 160 34.20 -29.49 -10.45
C HIS A 160 33.37 -29.30 -11.70
N ILE A 161 33.22 -28.05 -12.16
CA ILE A 161 32.60 -27.76 -13.45
C ILE A 161 33.59 -27.42 -14.55
N HIS A 162 33.40 -28.04 -15.71
CA HIS A 162 34.08 -27.58 -16.91
C HIS A 162 33.14 -27.52 -18.11
N ARG A 163 33.25 -26.43 -18.87
CA ARG A 163 32.71 -26.39 -20.23
C ARG A 163 33.86 -26.68 -21.19
N PRO A 164 33.77 -27.82 -21.89
CA PRO A 164 34.95 -28.37 -22.60
C PRO A 164 35.16 -27.62 -23.91
N ASP A 165 34.09 -27.06 -24.46
CA ASP A 165 34.17 -26.22 -25.63
C ASP A 165 34.91 -24.90 -25.35
N VAL A 166 36.24 -24.95 -25.34
CA VAL A 166 37.06 -23.82 -24.92
C VAL A 166 36.84 -22.54 -25.73
N VAL A 167 36.49 -22.67 -26.99
CA VAL A 167 36.17 -21.51 -27.81
C VAL A 167 34.99 -20.72 -27.21
N SER A 168 33.88 -21.39 -26.93
CA SER A 168 32.69 -20.69 -26.40
C SER A 168 32.92 -20.16 -24.97
N GLN A 169 33.82 -20.80 -24.22
CA GLN A 169 34.22 -20.30 -22.91
C GLN A 169 35.04 -19.03 -23.10
N ALA A 170 36.18 -19.15 -23.79
CA ALA A 170 37.06 -18.02 -24.07
C ALA A 170 36.36 -16.81 -24.65
N VAL A 171 35.24 -17.04 -25.35
CA VAL A 171 34.49 -15.95 -25.97
C VAL A 171 33.79 -15.14 -24.88
N SER A 172 32.91 -15.80 -24.13
CA SER A 172 32.29 -15.20 -22.94
C SER A 172 33.29 -14.43 -22.08
N PHE A 173 34.47 -15.00 -21.84
CA PHE A 173 35.45 -14.36 -20.98
C PHE A 173 36.05 -13.14 -21.64
N TRP A 174 36.01 -13.09 -22.96
CA TRP A 174 36.49 -11.90 -23.63
C TRP A 174 35.40 -10.86 -23.78
N ARG A 175 34.20 -11.30 -24.15
CA ARG A 175 33.06 -10.39 -24.14
C ARG A 175 33.08 -9.68 -22.78
N ALA A 176 33.00 -10.46 -21.70
CA ALA A 176 32.87 -9.91 -20.35
C ALA A 176 34.12 -9.17 -19.84
N VAL A 177 35.31 -9.57 -20.30
CA VAL A 177 36.54 -8.91 -19.85
C VAL A 177 36.59 -7.45 -20.27
N GLN A 178 35.62 -7.02 -21.06
CA GLN A 178 35.59 -5.64 -21.55
C GLN A 178 34.23 -4.97 -21.36
N THR A 179 33.17 -5.75 -21.42
CA THR A 179 31.86 -5.33 -20.94
C THR A 179 31.81 -5.12 -19.41
N ARG A 180 32.68 -5.83 -18.67
CA ARG A 180 32.71 -5.85 -17.19
C ARG A 180 31.51 -6.59 -16.57
N VAL A 181 30.66 -7.16 -17.40
CA VAL A 181 29.43 -7.83 -16.95
C VAL A 181 29.58 -9.32 -17.14
N TRP A 182 29.74 -10.06 -16.05
CA TRP A 182 30.14 -11.44 -16.16
C TRP A 182 28.98 -12.40 -15.93
N ARG A 183 27.81 -12.05 -16.42
CA ARG A 183 26.71 -13.00 -16.41
C ARG A 183 26.20 -13.29 -17.83
N ARG A 193 28.48 -1.59 -26.05
CA ARG A 193 29.13 -2.90 -25.95
C ARG A 193 30.37 -2.95 -26.86
N ALA A 194 31.23 -3.94 -26.65
CA ALA A 194 32.55 -3.96 -27.31
C ALA A 194 32.85 -5.22 -28.10
N GLU A 195 33.91 -5.17 -28.91
CA GLU A 195 34.04 -6.02 -30.10
C GLU A 195 34.88 -7.31 -29.94
N TYR A 196 34.69 -8.24 -30.89
CA TYR A 196 35.63 -9.33 -31.17
C TYR A 196 37.10 -8.81 -31.41
N HIS A 197 38.10 -9.69 -31.25
CA HIS A 197 39.50 -9.43 -31.65
C HIS A 197 40.31 -10.69 -31.37
N ALA A 198 40.79 -11.33 -32.43
CA ALA A 198 41.32 -12.70 -32.36
C ALA A 198 42.55 -12.94 -31.45
N GLY A 199 43.56 -12.06 -31.56
CA GLY A 199 44.84 -12.24 -30.90
C GLY A 199 44.76 -12.24 -29.39
N ALA A 200 43.68 -11.66 -28.88
CA ALA A 200 43.33 -11.71 -27.47
C ALA A 200 42.72 -13.06 -27.13
N ILE A 201 41.61 -13.40 -27.79
CA ILE A 201 40.95 -14.68 -27.56
C ILE A 201 41.92 -15.86 -27.68
N ALA A 202 43.09 -15.63 -28.29
CA ALA A 202 44.23 -16.55 -28.12
C ALA A 202 44.55 -16.57 -26.64
N HIS A 203 45.33 -15.59 -26.19
CA HIS A 203 45.71 -15.44 -24.79
C HIS A 203 44.69 -16.00 -23.81
N VAL A 204 43.41 -15.71 -24.03
CA VAL A 204 42.35 -16.30 -23.23
C VAL A 204 42.31 -17.83 -23.40
N ILE A 205 41.79 -18.31 -24.53
CA ILE A 205 41.66 -19.76 -24.78
C ILE A 205 42.84 -20.58 -24.26
N THR A 206 44.03 -19.98 -24.23
CA THR A 206 45.18 -20.70 -23.72
C THR A 206 45.48 -20.48 -22.24
N MET A 207 45.16 -19.30 -21.70
CA MET A 207 45.21 -19.11 -20.22
C MET A 207 44.22 -20.06 -19.55
N LEU A 208 42.99 -20.10 -20.07
CA LEU A 208 41.96 -21.05 -19.66
C LEU A 208 42.41 -22.48 -19.79
N ARG A 209 43.38 -22.72 -20.67
CA ARG A 209 43.90 -24.06 -20.88
C ARG A 209 44.71 -24.42 -19.67
N ALA A 210 45.76 -23.65 -19.42
CA ALA A 210 46.69 -23.93 -18.31
C ALA A 210 46.03 -23.90 -16.94
N GLN A 211 44.89 -23.19 -16.84
CA GLN A 211 44.04 -23.22 -15.66
C GLN A 211 43.42 -24.61 -15.56
N GLU A 212 42.71 -25.04 -16.59
CA GLU A 212 42.03 -26.33 -16.54
C GLU A 212 43.00 -27.51 -16.37
N GLU A 213 44.21 -27.39 -16.89
CA GLU A 213 45.28 -28.33 -16.57
C GLU A 213 45.34 -28.34 -15.03
N GLY A 214 46.07 -27.39 -14.45
CA GLY A 214 46.13 -27.19 -13.01
C GLY A 214 45.20 -28.04 -12.15
N TRP A 215 43.90 -27.94 -12.44
CA TRP A 215 42.87 -28.65 -11.73
C TRP A 215 43.04 -30.17 -11.83
N ARG A 216 42.92 -30.69 -13.05
CA ARG A 216 43.22 -32.11 -13.36
C ARG A 216 44.58 -32.62 -12.75
N ALA A 217 45.64 -31.85 -12.91
CA ALA A 217 46.92 -32.22 -12.30
C ALA A 217 46.94 -32.02 -10.79
N TRP A 218 45.92 -31.35 -10.24
CA TRP A 218 45.84 -31.26 -8.78
C TRP A 218 45.01 -32.42 -8.26
N PHE A 219 44.05 -32.85 -9.08
CA PHE A 219 43.14 -33.90 -8.66
C PHE A 219 43.87 -35.19 -8.33
N THR A 220 44.92 -35.48 -9.09
CA THR A 220 45.70 -36.68 -8.80
C THR A 220 46.86 -36.37 -7.84
N GLU A 221 47.49 -35.21 -7.99
CA GLU A 221 48.62 -34.85 -7.12
C GLU A 221 48.25 -34.60 -5.64
N GLU A 222 46.95 -34.60 -5.34
CA GLU A 222 46.50 -34.70 -3.94
C GLU A 222 45.34 -35.69 -3.79
N ASN A 223 45.25 -36.61 -4.75
CA ASN A 223 44.33 -37.73 -4.69
C ASN A 223 42.94 -37.32 -4.28
N VAL A 224 42.37 -36.39 -5.05
CA VAL A 224 41.00 -35.91 -4.84
C VAL A 224 40.16 -36.37 -5.99
N GLU A 225 38.97 -36.83 -5.70
CA GLU A 225 38.07 -37.24 -6.75
C GLU A 225 36.82 -36.42 -6.59
N PRO A 226 36.77 -35.28 -7.28
CA PRO A 226 35.60 -34.41 -7.25
C PRO A 226 34.45 -34.98 -8.07
N ILE A 227 33.22 -34.76 -7.61
CA ILE A 227 32.05 -34.90 -8.47
C ILE A 227 32.40 -34.09 -9.71
N ASP A 228 31.83 -34.45 -10.87
CA ASP A 228 32.33 -33.87 -12.12
C ASP A 228 31.33 -33.53 -13.20
N VAL A 229 30.40 -32.63 -12.91
CA VAL A 229 29.42 -32.18 -13.90
C VAL A 229 30.10 -31.44 -15.06
N ASP A 230 29.35 -31.25 -16.15
CA ASP A 230 29.83 -30.58 -17.37
C ASP A 230 28.76 -29.61 -17.91
N TYR A 231 29.20 -28.51 -18.53
CA TYR A 231 28.28 -27.43 -18.87
C TYR A 231 27.05 -27.85 -19.69
N PRO A 232 27.25 -28.61 -20.78
CA PRO A 232 26.12 -29.21 -21.50
C PRO A 232 25.13 -29.90 -20.55
N TYR A 233 25.63 -30.81 -19.72
CA TYR A 233 24.83 -31.53 -18.72
C TYR A 233 24.01 -30.56 -17.90
N LEU A 234 24.64 -29.45 -17.49
CA LEU A 234 24.00 -28.45 -16.63
C LEU A 234 22.97 -27.62 -17.37
N TRP A 235 23.43 -26.81 -18.34
CA TRP A 235 22.54 -25.96 -19.13
C TRP A 235 21.32 -26.72 -19.64
N ARG A 236 21.43 -28.05 -19.69
CA ARG A 236 20.28 -28.93 -19.96
C ARG A 236 19.66 -29.38 -18.63
N ASN A 237 20.27 -30.39 -18.01
CA ASN A 237 19.72 -30.99 -16.78
C ASN A 237 20.40 -30.50 -15.49
N LEU A 238 20.21 -29.24 -15.15
CA LEU A 238 20.77 -28.69 -13.90
C LEU A 238 19.94 -29.06 -12.70
N THR A 239 18.71 -29.48 -12.94
CA THR A 239 17.82 -29.86 -11.85
C THR A 239 18.36 -31.07 -11.11
N GLU A 240 18.98 -31.99 -11.83
CA GLU A 240 19.60 -33.15 -11.19
C GLU A 240 20.86 -32.71 -10.42
N VAL A 241 21.81 -32.10 -11.13
CA VAL A 241 23.10 -31.69 -10.56
C VAL A 241 22.91 -31.05 -9.19
N VAL A 242 22.00 -30.08 -9.11
CA VAL A 242 21.66 -29.44 -7.84
C VAL A 242 21.18 -30.48 -6.84
N GLY A 243 20.25 -31.32 -7.27
CA GLY A 243 19.73 -32.41 -6.45
C GLY A 243 20.80 -33.40 -5.99
N THR A 244 21.88 -33.49 -6.74
CA THR A 244 23.03 -34.26 -6.30
C THR A 244 23.73 -33.49 -5.19
N VAL A 245 24.06 -32.21 -5.43
CA VAL A 245 24.82 -31.42 -4.46
C VAL A 245 24.13 -31.45 -3.11
N LEU A 246 22.81 -31.46 -3.13
CA LEU A 246 22.02 -31.32 -1.92
C LEU A 246 22.01 -32.55 -1.04
N GLU A 247 22.09 -33.71 -1.67
CA GLU A 247 22.11 -34.98 -0.96
C GLU A 247 23.48 -35.19 -0.33
N ALA A 248 24.52 -34.91 -1.12
CA ALA A 248 25.90 -34.86 -0.63
C ALA A 248 26.06 -33.95 0.59
N LEU A 249 25.18 -32.95 0.70
CA LEU A 249 25.13 -32.08 1.88
C LEU A 249 24.07 -32.53 2.88
N GLY A 250 23.31 -33.56 2.51
CA GLY A 250 22.37 -34.21 3.40
C GLY A 250 21.06 -33.47 3.57
N GLN A 251 20.47 -33.01 2.45
CA GLN A 251 19.43 -31.96 2.51
C GLN A 251 18.00 -32.34 2.07
N ASP A 252 17.68 -32.02 0.83
CA ASP A 252 16.46 -32.54 0.20
C ASP A 252 16.45 -32.19 -1.27
N PRO A 253 16.82 -33.16 -2.10
CA PRO A 253 16.84 -32.97 -3.56
C PRO A 253 15.59 -32.23 -4.00
N ARG A 254 14.45 -32.61 -3.43
CA ARG A 254 13.16 -31.97 -3.73
C ARG A 254 13.22 -30.43 -3.62
N LEU A 255 14.15 -29.91 -2.82
CA LEU A 255 14.38 -28.47 -2.79
C LEU A 255 15.28 -28.04 -3.97
N ALA A 256 14.94 -26.91 -4.59
CA ALA A 256 15.54 -26.50 -5.86
C ALA A 256 14.66 -25.46 -6.54
N GLU A 271 28.08 -14.43 -30.23
CA GLU A 271 28.50 -15.67 -30.87
C GLU A 271 29.40 -15.40 -32.06
N TRP A 272 30.47 -14.66 -31.81
CA TRP A 272 31.62 -14.62 -32.71
C TRP A 272 32.47 -15.88 -32.51
N VAL A 273 31.80 -17.01 -32.29
CA VAL A 273 32.47 -18.32 -32.07
C VAL A 273 33.07 -18.82 -33.37
N GLU A 274 32.18 -19.01 -34.36
CA GLU A 274 32.54 -19.28 -35.75
C GLU A 274 33.53 -18.23 -36.26
N ARG A 275 33.23 -16.96 -35.96
CA ARG A 275 34.13 -15.84 -36.27
C ARG A 275 35.49 -15.97 -35.59
N TYR A 276 35.59 -16.92 -34.65
CA TYR A 276 36.90 -17.41 -34.22
C TYR A 276 37.24 -18.77 -34.87
N ARG A 277 36.22 -19.60 -35.03
CA ARG A 277 36.36 -20.93 -35.63
C ARG A 277 36.80 -20.86 -37.11
N ASP A 279 39.61 -18.71 -37.52
CA ASP A 279 40.91 -18.13 -37.81
C ASP A 279 41.90 -18.49 -36.71
N GLN A 281 40.34 -20.88 -39.05
CA GLN A 281 40.58 -20.84 -40.50
C GLN A 281 42.07 -20.70 -40.86
N ARG A 282 42.64 -19.51 -40.67
CA ARG A 282 43.88 -19.11 -41.39
C ARG A 282 45.15 -18.92 -40.52
N ASP A 283 45.02 -18.18 -39.42
CA ASP A 283 46.17 -17.61 -38.71
C ASP A 283 47.03 -18.61 -37.90
N GLY A 284 46.39 -19.64 -37.34
CA GLY A 284 47.08 -20.63 -36.53
C GLY A 284 47.06 -20.26 -35.05
N LEU A 285 45.93 -19.69 -34.61
CA LEU A 285 45.73 -19.30 -33.23
C LEU A 285 45.18 -20.48 -32.43
N PRO A 286 46.00 -20.98 -31.48
CA PRO A 286 45.66 -22.21 -30.71
C PRO A 286 44.17 -22.35 -30.39
N LEU A 287 43.61 -23.51 -30.67
CA LEU A 287 42.20 -23.78 -30.44
C LEU A 287 42.01 -25.19 -29.89
N HIS B 24 25.33 10.45 -10.20
CA HIS B 24 25.17 9.01 -10.54
C HIS B 24 25.61 8.06 -9.37
N PRO B 25 24.67 7.58 -8.56
CA PRO B 25 24.99 6.72 -7.42
C PRO B 25 25.64 5.41 -7.87
N THR B 26 26.57 4.86 -7.07
CA THR B 26 27.28 3.64 -7.46
C THR B 26 26.85 2.49 -6.57
N ALA B 27 25.77 2.69 -5.82
CA ALA B 27 25.42 1.72 -4.82
C ALA B 27 23.96 1.81 -4.43
N TYR B 28 23.35 0.65 -4.20
CA TYR B 28 22.01 0.60 -3.66
C TYR B 28 21.93 -0.21 -2.42
N LEU B 29 20.88 0.05 -1.65
CA LEU B 29 20.69 -0.64 -0.42
C LEU B 29 19.22 -0.82 -0.20
N VAL B 30 18.79 -2.04 0.03
CA VAL B 30 17.38 -2.35 0.08
C VAL B 30 16.89 -2.43 1.53
N LEU B 31 15.89 -1.65 1.86
CA LEU B 31 15.49 -1.52 3.25
C LEU B 31 14.27 -2.38 3.52
N ALA B 32 14.25 -3.18 4.58
CA ALA B 32 13.17 -4.12 4.63
C ALA B 32 12.97 -4.81 5.92
N SER B 33 12.26 -5.90 5.83
CA SER B 33 11.95 -6.67 6.99
C SER B 33 12.03 -8.14 6.57
N GLN B 34 12.18 -9.04 7.55
CA GLN B 34 12.49 -10.41 7.20
C GLN B 34 11.31 -11.00 6.47
N ARG B 35 11.55 -11.66 5.35
CA ARG B 35 10.46 -12.19 4.54
C ARG B 35 9.43 -11.08 4.22
N SER B 36 9.87 -10.08 3.48
CA SER B 36 8.99 -9.06 3.04
C SER B 36 9.08 -8.95 1.52
N GLY B 37 9.96 -9.75 0.92
CA GLY B 37 10.11 -9.74 -0.52
C GLY B 37 11.49 -9.31 -0.98
N SER B 38 12.16 -8.48 -0.18
CA SER B 38 13.48 -7.96 -0.59
C SER B 38 14.29 -8.98 -1.41
N THR B 39 14.22 -10.24 -1.02
CA THR B 39 14.86 -11.32 -1.78
C THR B 39 14.56 -11.37 -3.29
N LEU B 40 13.28 -11.39 -3.66
CA LEU B 40 12.92 -11.54 -5.09
C LEU B 40 13.62 -10.44 -5.91
N LEU B 41 13.42 -9.19 -5.48
CA LEU B 41 14.09 -8.03 -6.06
C LEU B 41 15.59 -8.21 -6.05
N VAL B 42 16.13 -8.43 -4.86
CA VAL B 42 17.55 -8.32 -4.65
C VAL B 42 18.32 -9.40 -5.35
N GLU B 43 17.88 -10.67 -5.26
CA GLU B 43 18.51 -11.74 -6.09
C GLU B 43 18.33 -11.45 -7.57
N SER B 44 17.14 -10.91 -7.90
CA SER B 44 16.78 -10.58 -9.27
C SER B 44 17.80 -9.63 -9.82
N LEU B 45 18.17 -8.66 -8.98
CA LEU B 45 19.31 -7.78 -9.30
C LEU B 45 20.62 -8.55 -9.47
N ARG B 46 20.99 -9.34 -8.48
CA ARG B 46 22.33 -9.95 -8.49
C ARG B 46 22.64 -10.59 -9.83
N ALA B 47 21.64 -11.31 -10.35
CA ALA B 47 21.69 -11.97 -11.67
C ALA B 47 22.05 -11.07 -12.84
N THR B 48 21.63 -9.80 -12.84
CA THR B 48 22.11 -8.91 -13.93
C THR B 48 23.58 -8.90 -14.00
N GLY B 49 24.24 -8.99 -12.87
CA GLY B 49 25.69 -8.95 -12.83
C GLY B 49 26.26 -7.56 -13.01
N VAL B 50 25.39 -6.55 -12.84
CA VAL B 50 25.86 -5.17 -12.76
C VAL B 50 25.28 -4.49 -11.51
N ALA B 51 24.72 -5.28 -10.60
CA ALA B 51 24.14 -4.72 -9.39
C ALA B 51 24.73 -5.38 -8.14
N GLY B 52 26.05 -5.53 -8.09
CA GLY B 52 26.71 -5.88 -6.84
C GLY B 52 26.38 -7.26 -6.33
N GLU B 53 26.77 -7.56 -5.11
CA GLU B 53 26.46 -8.87 -4.56
C GLU B 53 25.73 -8.66 -3.26
N PRO B 54 24.46 -8.29 -3.33
CA PRO B 54 23.75 -7.87 -2.11
C PRO B 54 23.72 -9.01 -1.16
N GLN B 55 23.81 -8.74 0.15
CA GLN B 55 23.71 -9.76 1.22
C GLN B 55 23.21 -8.99 2.38
N GLU B 56 22.83 -9.69 3.45
CA GLU B 56 22.48 -9.04 4.71
C GLU B 56 23.76 -8.83 5.55
N PHE B 57 24.64 -8.00 4.99
CA PHE B 57 25.96 -7.66 5.51
C PHE B 57 25.92 -7.21 6.93
N PHE B 58 24.75 -6.77 7.36
CA PHE B 58 24.59 -6.24 8.69
C PHE B 58 23.79 -7.15 9.61
N GLN B 59 23.50 -8.38 9.18
CA GLN B 59 22.79 -9.30 10.10
C GLN B 59 23.56 -9.87 11.33
N TYR B 60 24.89 -9.99 11.26
CA TYR B 60 25.65 -10.70 12.27
C TYR B 60 25.74 -9.97 13.56
N LEU B 61 25.39 -10.62 14.67
CA LEU B 61 25.60 -10.10 15.98
C LEU B 61 27.09 -10.07 16.36
N PRO B 62 27.51 -9.05 17.06
CA PRO B 62 28.92 -8.89 17.35
C PRO B 62 29.39 -9.87 18.44
N ASN B 63 28.54 -10.34 19.31
CA ASN B 63 28.97 -11.29 20.33
C ASN B 63 29.03 -12.74 19.80
N THR B 64 28.33 -13.01 18.71
CA THR B 64 28.26 -14.39 18.23
C THR B 64 28.82 -14.54 16.81
N SER B 65 29.11 -13.42 16.15
CA SER B 65 29.40 -13.41 14.72
C SER B 65 28.49 -14.36 13.97
N MET B 66 27.27 -14.43 14.44
CA MET B 66 26.22 -15.13 13.72
C MET B 66 24.99 -14.28 13.47
N SER B 67 24.26 -14.66 12.47
CA SER B 67 22.88 -14.23 12.35
C SER B 67 22.17 -14.49 13.65
N PRO B 68 21.13 -13.70 13.92
CA PRO B 68 20.25 -13.93 15.05
C PRO B 68 19.75 -15.39 15.04
N GLN B 69 19.81 -16.04 16.17
CA GLN B 69 19.33 -17.43 16.23
C GLN B 69 17.93 -17.53 16.81
N PRO B 70 17.26 -18.62 16.49
CA PRO B 70 15.85 -18.74 16.78
C PRO B 70 15.58 -18.33 18.21
N ARG B 71 16.29 -18.90 19.19
CA ARG B 71 15.99 -18.60 20.60
C ARG B 71 16.29 -17.11 20.93
N GLU B 72 16.93 -16.41 19.99
CA GLU B 72 17.31 -15.05 20.24
C GLU B 72 16.18 -14.16 19.86
N TRP B 73 15.49 -14.51 18.78
CA TRP B 73 14.39 -13.71 18.33
C TRP B 73 13.31 -13.77 19.42
N PHE B 74 13.36 -14.81 20.26
CA PHE B 74 12.31 -14.98 21.24
C PHE B 74 12.81 -14.82 22.64
N ALA B 75 13.88 -14.06 22.81
CA ALA B 75 14.58 -14.03 24.09
C ALA B 75 13.71 -13.59 25.28
N ASP B 76 12.59 -12.94 24.98
CA ASP B 76 11.65 -12.47 26.05
C ASP B 76 10.42 -13.34 26.21
N VAL B 77 10.35 -14.43 25.46
CA VAL B 77 9.32 -15.43 25.56
C VAL B 77 9.80 -16.44 26.60
N GLU B 78 9.03 -16.63 27.68
CA GLU B 78 9.28 -17.71 28.62
C GLU B 78 8.20 -18.81 28.46
N ASP B 79 7.36 -18.69 27.44
CA ASP B 79 6.42 -19.75 27.16
C ASP B 79 7.15 -20.93 26.52
N GLN B 80 7.26 -22.00 27.32
CA GLN B 80 8.06 -23.17 26.98
C GLN B 80 7.55 -23.92 25.76
N SER B 81 6.25 -23.81 25.50
CA SER B 81 5.60 -24.53 24.38
C SER B 81 6.06 -23.98 23.05
N ILE B 82 6.47 -22.71 23.03
CA ILE B 82 7.05 -22.12 21.83
C ILE B 82 8.55 -22.33 21.82
N LEU B 83 9.16 -22.10 22.98
CA LEU B 83 10.60 -22.32 23.16
C LEU B 83 11.08 -23.68 22.65
N ARG B 84 10.38 -24.74 23.02
CA ARG B 84 10.75 -26.11 22.63
C ARG B 84 10.76 -26.34 21.11
N LEU B 85 10.09 -25.46 20.36
CA LEU B 85 10.01 -25.62 18.91
C LEU B 85 11.29 -25.14 18.24
N LEU B 86 12.08 -24.39 19.02
CA LEU B 86 13.24 -23.70 18.51
C LEU B 86 14.50 -24.52 18.84
N ASP B 87 15.45 -24.52 17.92
CA ASP B 87 16.77 -25.05 18.16
C ASP B 87 17.40 -24.47 19.42
N PRO B 88 18.37 -25.17 19.96
CA PRO B 88 19.16 -24.63 21.08
C PRO B 88 20.18 -23.59 20.57
N LEU B 89 20.53 -22.59 21.38
CA LEU B 89 21.55 -21.65 20.96
C LEU B 89 22.90 -22.32 20.70
N ILE B 90 23.61 -21.74 19.78
CA ILE B 90 25.02 -21.96 19.59
C ILE B 90 25.64 -20.72 20.23
N GLU B 91 26.71 -20.89 20.97
CA GLU B 91 27.51 -19.75 21.41
C GLU B 91 28.56 -19.62 20.30
N GLY B 92 28.74 -18.43 19.77
CA GLY B 92 29.75 -18.24 18.75
C GLY B 92 30.95 -17.55 19.38
N LYS B 93 31.48 -16.54 18.69
CA LYS B 93 32.61 -15.74 19.18
C LYS B 93 32.45 -14.31 18.75
N PRO B 94 32.91 -13.40 19.60
CA PRO B 94 32.92 -11.98 19.24
C PRO B 94 33.65 -11.73 17.93
N ASP B 95 33.09 -10.83 17.14
CA ASP B 95 33.73 -10.36 15.93
C ASP B 95 34.75 -9.37 16.41
N LEU B 96 36.00 -9.51 16.01
CA LEU B 96 36.97 -8.61 16.56
C LEU B 96 37.60 -7.76 15.48
N ALA B 97 37.10 -7.85 14.27
CA ALA B 97 37.55 -6.98 13.24
C ALA B 97 37.42 -5.54 13.74
N PRO B 98 38.47 -4.75 13.63
CA PRO B 98 38.36 -3.29 13.72
C PRO B 98 37.26 -2.70 12.78
N ALA B 99 36.63 -1.62 13.23
CA ALA B 99 35.61 -0.99 12.42
C ALA B 99 36.05 -0.85 10.95
N THR B 100 37.26 -0.30 10.70
CA THR B 100 37.68 -0.07 9.33
C THR B 100 37.81 -1.35 8.54
N ILE B 101 38.28 -2.40 9.20
CA ILE B 101 38.45 -3.63 8.49
C ILE B 101 37.11 -4.22 8.15
N TRP B 102 36.15 -4.06 9.08
CA TRP B 102 34.78 -4.54 8.85
C TRP B 102 34.17 -3.83 7.67
N ARG B 103 34.30 -2.51 7.62
CA ARG B 103 33.69 -1.75 6.54
C ARG B 103 34.28 -2.19 5.23
N ASP B 104 35.58 -2.40 5.23
CA ASP B 104 36.32 -2.62 3.98
C ASP B 104 36.00 -3.94 3.39
N TYR B 105 35.91 -4.99 4.22
CA TYR B 105 35.48 -6.28 3.77
C TYR B 105 34.11 -6.15 3.08
N ILE B 106 33.20 -5.39 3.70
CA ILE B 106 31.82 -5.31 3.22
C ILE B 106 31.85 -4.56 1.92
N GLN B 107 32.62 -3.53 1.88
CA GLN B 107 32.73 -2.78 0.67
C GLN B 107 33.25 -3.62 -0.46
N THR B 108 34.11 -4.59 -0.22
CA THR B 108 34.65 -5.32 -1.37
C THR B 108 33.88 -6.55 -1.78
N VAL B 109 33.36 -7.28 -0.82
CA VAL B 109 32.56 -8.42 -1.12
C VAL B 109 31.28 -8.01 -1.87
N GLY B 110 30.70 -6.87 -1.54
CA GLY B 110 29.38 -6.57 -2.08
C GLY B 110 29.37 -5.96 -3.47
N ARG B 111 30.48 -5.95 -4.18
CA ARG B 111 30.58 -5.03 -5.27
C ARG B 111 31.00 -5.73 -6.55
N THR B 112 30.31 -5.45 -7.65
CA THR B 112 30.59 -6.16 -8.92
C THR B 112 31.76 -5.56 -9.65
N PRO B 113 32.29 -6.25 -10.62
CA PRO B 113 33.47 -5.71 -11.28
C PRO B 113 33.16 -4.33 -11.80
N ASN B 114 31.97 -4.13 -12.33
CA ASN B 114 31.56 -2.77 -12.72
C ASN B 114 31.70 -1.71 -11.63
N GLY B 115 31.82 -2.10 -10.38
CA GLY B 115 32.07 -1.14 -9.31
C GLY B 115 30.85 -0.77 -8.50
N VAL B 116 29.71 -1.40 -8.80
CA VAL B 116 28.47 -1.19 -8.11
C VAL B 116 28.31 -2.15 -6.91
N TRP B 117 27.75 -1.61 -5.82
CA TRP B 117 27.66 -2.31 -4.58
C TRP B 117 26.22 -2.40 -4.28
N GLY B 118 25.82 -3.53 -3.67
CA GLY B 118 24.46 -3.66 -3.17
C GLY B 118 24.41 -4.40 -1.86
N GLY B 119 23.34 -4.24 -1.11
CA GLY B 119 23.08 -5.12 0.00
C GLY B 119 21.70 -4.87 0.58
N LYS B 120 21.29 -5.72 1.52
CA LYS B 120 20.00 -5.63 2.15
C LYS B 120 20.20 -5.02 3.51
N LEU B 121 19.20 -4.34 4.08
CA LEU B 121 19.31 -3.92 5.47
C LEU B 121 17.95 -4.10 6.08
N MET B 122 17.84 -4.85 7.19
CA MET B 122 16.59 -5.02 7.90
C MET B 122 16.56 -3.97 9.00
N TRP B 123 15.36 -3.51 9.37
CA TRP B 123 15.24 -2.51 10.41
C TRP B 123 15.80 -2.99 11.75
N ASN B 124 15.65 -4.28 12.10
CA ASN B 124 16.23 -4.77 13.37
C ASN B 124 17.75 -4.68 13.43
N GLN B 125 18.37 -4.56 12.28
CA GLN B 125 19.82 -4.44 12.20
C GLN B 125 20.38 -3.03 12.31
N THR B 126 19.49 -2.03 12.41
CA THR B 126 20.01 -0.67 12.25
C THR B 126 20.87 -0.26 13.40
N PRO B 127 20.48 -0.60 14.61
CA PRO B 127 21.27 -0.24 15.77
C PRO B 127 22.67 -0.80 15.70
N LEU B 128 22.80 -2.03 15.15
CA LEU B 128 24.04 -2.80 15.00
C LEU B 128 25.00 -2.04 14.21
N LEU B 129 24.49 -1.57 13.08
CA LEU B 129 25.28 -0.91 12.05
C LEU B 129 25.78 0.40 12.60
N VAL B 130 24.92 1.09 13.33
CA VAL B 130 25.23 2.34 13.94
C VAL B 130 26.23 2.16 15.07
N GLN B 131 26.03 1.18 15.92
CA GLN B 131 27.04 0.74 16.90
C GLN B 131 28.40 0.51 16.26
N ARG B 132 28.40 -0.18 15.12
CA ARG B 132 29.64 -0.54 14.49
C ARG B 132 30.35 0.63 13.82
N ALA B 133 29.60 1.57 13.26
CA ALA B 133 30.23 2.65 12.55
C ALA B 133 30.88 3.64 13.52
N LYS B 134 30.36 3.69 14.74
CA LYS B 134 30.79 4.64 15.76
C LYS B 134 32.31 4.82 15.83
N ASP B 135 33.06 3.74 15.73
CA ASP B 135 34.51 3.88 15.91
C ASP B 135 35.33 4.03 14.62
N LEU B 136 34.68 4.34 13.50
CA LEU B 136 35.39 4.62 12.27
C LEU B 136 35.98 6.01 12.34
N PRO B 137 37.13 6.15 11.75
CA PRO B 137 37.69 7.48 11.56
C PRO B 137 36.80 8.24 10.56
N ASP B 138 36.67 9.53 10.75
CA ASP B 138 35.93 10.26 9.74
C ASP B 138 34.47 9.90 9.73
N ARG B 139 34.09 9.09 10.70
CA ARG B 139 32.70 8.91 10.89
C ARG B 139 32.17 10.26 10.45
N SER B 140 30.97 10.42 9.93
CA SER B 140 30.69 11.78 9.52
C SER B 140 29.39 12.32 10.08
N GLY B 141 28.77 11.52 10.90
CA GLY B 141 27.56 11.95 11.54
C GLY B 141 27.48 11.10 12.77
N SER B 142 26.29 11.02 13.34
CA SER B 142 26.14 10.13 14.49
C SER B 142 24.87 9.30 14.32
N GLY B 143 24.14 9.54 13.22
CA GLY B 143 22.85 8.86 12.99
C GLY B 143 22.93 7.75 11.96
N LEU B 144 21.79 7.08 11.72
CA LEU B 144 21.71 5.99 10.72
C LEU B 144 22.15 6.41 9.31
N LEU B 145 21.76 7.60 8.88
CA LEU B 145 22.08 8.00 7.52
C LEU B 145 23.56 8.19 7.29
N SER B 146 24.24 8.82 8.21
CA SER B 146 25.68 8.91 8.12
C SER B 146 26.36 7.55 8.17
N ALA B 147 25.82 6.69 9.02
CA ALA B 147 26.33 5.35 9.20
C ALA B 147 26.31 4.65 7.85
N ILE B 148 25.16 4.62 7.20
CA ILE B 148 25.06 4.05 5.88
C ILE B 148 26.07 4.66 4.95
N ARG B 149 26.19 5.97 4.97
CA ARG B 149 27.11 6.66 4.08
C ARG B 149 28.54 6.28 4.34
N ASP B 150 28.92 6.27 5.62
CA ASP B 150 30.30 6.00 5.97
C ASP B 150 30.69 4.56 5.77
N VAL B 151 29.76 3.63 6.01
CA VAL B 151 30.02 2.26 5.73
C VAL B 151 30.01 2.01 4.21
N VAL B 152 29.00 2.47 3.51
CA VAL B 152 28.97 2.12 2.09
C VAL B 152 30.05 2.82 1.27
N GLY B 153 30.44 4.03 1.68
CA GLY B 153 31.53 4.74 1.03
C GLY B 153 30.95 5.71 0.04
N SER B 154 29.63 5.73 -0.09
CA SER B 154 28.92 6.65 -1.00
C SER B 154 27.46 6.67 -0.59
N ASP B 155 26.60 7.35 -1.36
CA ASP B 155 25.22 7.53 -0.96
C ASP B 155 24.21 6.63 -1.67
N PRO B 156 23.91 5.49 -1.10
CA PRO B 156 23.18 4.45 -1.84
C PRO B 156 21.82 4.92 -2.28
N VAL B 157 21.26 4.23 -3.26
CA VAL B 157 19.90 4.45 -3.72
C VAL B 157 19.08 3.66 -2.78
N LEU B 158 18.42 4.31 -1.84
CA LEU B 158 17.63 3.56 -0.90
C LEU B 158 16.38 3.01 -1.57
N ILE B 159 15.97 1.78 -1.24
CA ILE B 159 14.77 1.16 -1.85
C ILE B 159 13.99 0.47 -0.77
N HIS B 160 12.68 0.49 -0.81
CA HIS B 160 11.97 0.00 0.34
C HIS B 160 10.82 -0.97 0.12
N ILE B 161 11.09 -2.29 0.07
CA ILE B 161 10.07 -3.34 -0.11
C ILE B 161 9.29 -3.63 1.16
N HIS B 162 7.96 -3.43 1.13
CA HIS B 162 7.09 -3.63 2.30
C HIS B 162 5.88 -4.57 2.03
N ARG B 163 5.22 -5.04 3.09
CA ARG B 163 4.13 -6.04 2.99
C ARG B 163 2.96 -5.67 3.87
N PRO B 164 1.78 -5.44 3.30
CA PRO B 164 0.62 -4.99 4.12
C PRO B 164 0.00 -6.13 4.88
N ASP B 165 0.19 -7.34 4.35
CA ASP B 165 -0.32 -8.62 4.94
C ASP B 165 0.61 -9.18 5.99
N VAL B 166 0.61 -8.58 7.16
CA VAL B 166 1.59 -8.91 8.18
C VAL B 166 1.46 -10.39 8.57
N VAL B 167 0.23 -10.87 8.58
CA VAL B 167 -0.04 -12.18 9.04
C VAL B 167 0.59 -13.17 8.10
N SER B 168 0.52 -12.98 6.79
CA SER B 168 1.03 -14.04 5.89
C SER B 168 2.52 -14.13 6.09
N GLN B 169 3.06 -13.00 6.55
CA GLN B 169 4.52 -12.79 6.66
C GLN B 169 4.98 -13.36 7.98
N ALA B 170 4.35 -12.91 9.06
CA ALA B 170 4.63 -13.45 10.36
C ALA B 170 4.64 -14.94 10.19
N VAL B 171 3.69 -15.46 9.42
CA VAL B 171 3.55 -16.90 9.33
C VAL B 171 4.80 -17.45 8.68
N SER B 172 5.15 -16.96 7.52
CA SER B 172 6.34 -17.42 6.89
C SER B 172 7.56 -17.25 7.76
N PHE B 173 7.54 -16.25 8.64
CA PHE B 173 8.68 -16.00 9.54
C PHE B 173 8.75 -17.10 10.60
N TRP B 174 7.63 -17.29 11.33
CA TRP B 174 7.47 -18.34 12.35
C TRP B 174 7.69 -19.76 11.87
N ARG B 175 7.54 -20.00 10.59
CA ARG B 175 7.91 -21.26 10.01
C ARG B 175 9.38 -21.28 9.88
N ALA B 176 9.92 -20.21 9.31
CA ALA B 176 11.33 -20.14 8.85
C ALA B 176 12.30 -20.26 9.99
N VAL B 177 11.91 -19.70 11.14
CA VAL B 177 12.70 -19.69 12.34
C VAL B 177 12.76 -21.07 13.00
N GLN B 178 11.82 -21.93 12.65
CA GLN B 178 11.80 -23.30 13.18
C GLN B 178 12.63 -24.17 12.29
N THR B 179 12.48 -24.03 11.00
CA THR B 179 13.08 -24.98 10.05
C THR B 179 14.50 -24.58 9.74
N ARG B 180 14.77 -23.30 10.03
CA ARG B 180 15.99 -22.61 9.66
C ARG B 180 16.12 -22.36 8.17
N VAL B 181 15.00 -22.26 7.46
CA VAL B 181 15.07 -22.09 6.02
C VAL B 181 14.27 -20.86 5.66
N TRP B 182 14.89 -19.89 4.97
CA TRP B 182 14.28 -18.54 4.81
C TRP B 182 13.96 -18.22 3.37
N ARG B 183 14.34 -19.12 2.48
CA ARG B 183 13.91 -19.08 1.10
C ARG B 183 12.70 -20.04 0.92
N ASP B 191 10.05 -30.42 5.55
CA ASP B 191 9.40 -29.28 6.20
C ASP B 191 8.67 -29.68 7.50
N ALA B 192 8.97 -30.90 7.96
CA ALA B 192 8.14 -31.64 8.92
C ALA B 192 7.98 -31.03 10.34
N ARG B 193 9.03 -30.38 10.84
CA ARG B 193 9.05 -29.91 12.23
C ARG B 193 8.15 -28.71 12.55
N ALA B 194 7.54 -28.11 11.56
CA ALA B 194 7.01 -26.80 11.82
C ALA B 194 5.62 -26.79 12.47
N GLU B 195 5.54 -26.36 13.72
CA GLU B 195 4.26 -26.27 14.38
C GLU B 195 3.61 -24.90 14.30
N TYR B 196 2.29 -24.87 14.17
CA TYR B 196 1.52 -23.66 14.40
C TYR B 196 1.73 -23.23 15.85
N HIS B 197 1.50 -21.96 16.16
CA HIS B 197 1.48 -21.46 17.55
C HIS B 197 1.04 -20.00 17.57
N ALA B 198 0.01 -19.72 18.33
CA ALA B 198 -0.65 -18.45 18.24
C ALA B 198 0.20 -17.39 18.91
N GLY B 199 0.62 -17.69 20.15
CA GLY B 199 1.34 -16.73 20.96
C GLY B 199 2.58 -16.22 20.23
N ALA B 200 3.27 -17.15 19.54
CA ALA B 200 4.49 -16.86 18.79
C ALA B 200 4.19 -15.96 17.65
N ILE B 201 3.22 -16.36 16.82
CA ILE B 201 2.85 -15.54 15.67
C ILE B 201 2.49 -14.16 16.13
N ALA B 202 1.75 -14.08 17.21
CA ALA B 202 1.45 -12.78 17.82
C ALA B 202 2.74 -11.97 18.03
N HIS B 203 3.71 -12.64 18.66
CA HIS B 203 5.03 -12.09 18.96
C HIS B 203 5.74 -11.56 17.69
N VAL B 204 5.88 -12.43 16.70
CA VAL B 204 6.42 -12.07 15.39
C VAL B 204 5.67 -10.91 14.73
N ILE B 205 4.35 -10.88 14.88
CA ILE B 205 3.56 -9.83 14.31
C ILE B 205 3.87 -8.59 15.06
N THR B 206 3.82 -8.66 16.39
CA THR B 206 4.05 -7.44 17.19
C THR B 206 5.36 -6.80 16.80
N MET B 207 6.31 -7.68 16.41
CA MET B 207 7.69 -7.37 16.05
C MET B 207 7.81 -6.84 14.66
N LEU B 208 7.27 -7.54 13.68
CA LEU B 208 7.34 -7.00 12.34
C LEU B 208 6.66 -5.60 12.27
N ARG B 209 5.53 -5.45 12.97
CA ARG B 209 4.82 -4.16 12.96
C ARG B 209 5.80 -3.14 13.41
N ALA B 210 6.74 -3.52 14.30
CA ALA B 210 7.49 -2.47 15.01
C ALA B 210 8.58 -1.95 14.14
N GLN B 211 9.05 -2.85 13.26
CA GLN B 211 10.05 -2.54 12.26
C GLN B 211 9.45 -1.59 11.26
N GLU B 212 8.17 -1.75 11.01
CA GLU B 212 7.54 -0.79 10.12
C GLU B 212 7.46 0.60 10.69
N GLU B 213 6.89 0.73 11.88
CA GLU B 213 6.95 1.97 12.58
C GLU B 213 8.39 2.46 12.65
N GLY B 214 9.36 1.54 12.72
CA GLY B 214 10.77 1.91 12.73
C GLY B 214 11.25 2.64 11.51
N TRP B 215 11.05 2.01 10.36
CA TRP B 215 11.40 2.62 9.09
C TRP B 215 10.58 3.91 8.86
N ARG B 216 9.24 3.84 9.07
CA ARG B 216 8.38 5.01 8.95
C ARG B 216 8.94 6.19 9.69
N ALA B 217 9.13 6.05 10.99
CA ALA B 217 9.66 7.16 11.77
C ALA B 217 10.98 7.68 11.20
N TRP B 218 11.79 6.78 10.62
CA TRP B 218 13.14 7.13 10.18
C TRP B 218 13.10 7.92 8.92
N PHE B 219 12.30 7.46 7.96
CA PHE B 219 12.16 8.21 6.73
C PHE B 219 11.84 9.72 7.02
N THR B 220 10.82 9.99 7.84
CA THR B 220 10.63 11.36 8.26
C THR B 220 11.87 11.84 9.03
N GLU B 221 12.27 11.11 10.07
CA GLU B 221 13.29 11.61 10.99
C GLU B 221 14.47 12.33 10.31
N GLU B 222 15.05 11.68 9.29
CA GLU B 222 16.20 12.23 8.54
C GLU B 222 15.87 12.61 7.08
N ASN B 223 14.59 12.93 6.85
CA ASN B 223 14.06 13.39 5.55
C ASN B 223 14.57 12.60 4.39
N VAL B 224 14.13 11.35 4.29
CA VAL B 224 14.49 10.53 3.16
C VAL B 224 13.29 9.99 2.47
N GLU B 225 13.39 9.94 1.15
CA GLU B 225 12.34 9.42 0.30
C GLU B 225 12.91 8.24 -0.49
N PRO B 226 12.68 7.03 0.00
CA PRO B 226 13.17 5.80 -0.66
C PRO B 226 12.47 5.52 -1.98
N ILE B 227 12.96 4.61 -2.80
CA ILE B 227 12.18 4.15 -3.93
C ILE B 227 11.18 3.15 -3.44
N ASP B 228 10.15 3.58 -2.70
CA ASP B 228 9.13 2.65 -2.11
C ASP B 228 8.41 1.69 -3.08
N VAL B 229 8.30 0.41 -2.74
CA VAL B 229 7.72 -0.59 -3.64
C VAL B 229 7.20 -1.80 -2.88
N ASP B 230 5.99 -1.76 -2.35
CA ASP B 230 5.39 -2.95 -1.73
C ASP B 230 5.42 -4.23 -2.59
N TYR B 231 5.28 -5.36 -1.90
CA TYR B 231 5.51 -6.69 -2.50
C TYR B 231 4.54 -7.03 -3.63
N PRO B 232 3.21 -6.82 -3.45
CA PRO B 232 2.24 -7.17 -4.51
C PRO B 232 2.67 -6.49 -5.80
N TYR B 233 2.87 -5.17 -5.75
CA TYR B 233 3.46 -4.47 -6.89
C TYR B 233 4.72 -5.21 -7.32
N LEU B 234 5.58 -5.56 -6.36
CA LEU B 234 6.86 -6.18 -6.71
C LEU B 234 6.68 -7.53 -7.40
N TRP B 235 5.79 -8.35 -6.85
CA TRP B 235 5.47 -9.64 -7.46
C TRP B 235 5.05 -9.39 -8.92
N ARG B 236 3.97 -8.63 -9.09
CA ARG B 236 3.43 -8.29 -10.40
C ARG B 236 4.51 -7.81 -11.36
N ASN B 237 5.13 -6.67 -11.04
CA ASN B 237 5.97 -5.99 -12.02
C ASN B 237 7.50 -6.21 -11.99
N LEU B 238 7.97 -7.24 -11.28
CA LEU B 238 9.41 -7.47 -11.20
C LEU B 238 10.17 -6.62 -12.25
N THR B 239 10.25 -7.13 -13.47
CA THR B 239 11.06 -6.53 -14.52
C THR B 239 10.97 -5.01 -14.67
N GLU B 240 9.84 -4.43 -14.29
CA GLU B 240 9.70 -2.98 -14.25
C GLU B 240 10.68 -2.39 -13.25
N VAL B 241 10.50 -2.79 -11.99
CA VAL B 241 11.35 -2.35 -10.86
C VAL B 241 12.83 -2.71 -11.06
N VAL B 242 13.09 -3.99 -11.22
CA VAL B 242 14.44 -4.47 -11.48
C VAL B 242 15.09 -3.61 -12.55
N GLY B 243 14.28 -2.82 -13.24
CA GLY B 243 14.80 -1.93 -14.27
C GLY B 243 15.00 -0.50 -13.79
N THR B 244 14.08 -0.04 -12.96
CA THR B 244 14.15 1.30 -12.38
C THR B 244 15.40 1.40 -11.51
N VAL B 245 15.58 0.39 -10.65
CA VAL B 245 16.74 0.33 -9.79
C VAL B 245 17.90 0.26 -10.75
N LEU B 246 17.85 -0.69 -11.65
CA LEU B 246 18.88 -0.78 -12.65
C LEU B 246 19.20 0.58 -13.24
N GLU B 247 18.15 1.37 -13.48
CA GLU B 247 18.33 2.64 -14.14
C GLU B 247 19.00 3.64 -13.22
N ALA B 248 18.56 3.67 -11.97
CA ALA B 248 19.06 4.63 -11.01
C ALA B 248 20.54 4.47 -10.76
N LEU B 249 21.07 3.29 -11.05
CA LEU B 249 22.50 3.03 -10.88
C LEU B 249 23.28 3.27 -12.15
N GLY B 250 22.57 3.76 -13.18
CA GLY B 250 23.17 4.03 -14.48
C GLY B 250 23.37 2.77 -15.29
N GLN B 251 22.53 1.77 -15.09
CA GLN B 251 22.66 0.52 -15.81
C GLN B 251 21.58 0.43 -16.87
N ASP B 252 21.90 -0.24 -17.97
CA ASP B 252 20.91 -0.44 -19.04
C ASP B 252 19.77 -1.30 -18.47
N PRO B 253 18.56 -0.75 -18.45
CA PRO B 253 17.42 -1.45 -17.84
C PRO B 253 17.12 -2.68 -18.65
N ARG B 254 17.80 -2.82 -19.79
CA ARG B 254 17.71 -4.01 -20.62
C ARG B 254 17.82 -5.31 -19.79
N LEU B 255 18.81 -5.37 -18.91
CA LEU B 255 19.23 -6.61 -18.27
C LEU B 255 18.22 -7.24 -17.31
N ALA B 256 17.20 -6.49 -16.92
CA ALA B 256 16.16 -6.98 -16.01
C ALA B 256 15.40 -8.19 -16.55
N PRO B 257 15.66 -9.39 -16.02
CA PRO B 257 15.06 -10.62 -16.57
C PRO B 257 13.60 -10.86 -16.14
N LYS B 258 13.00 -11.94 -16.68
CA LYS B 258 11.55 -12.25 -16.63
C LYS B 258 10.91 -12.28 -15.23
N ARG B 268 -0.60 -22.42 -3.15
CA ARG B 268 -0.65 -23.26 -1.95
C ARG B 268 -0.88 -22.39 -0.69
N SER B 269 -2.11 -22.46 -0.15
CA SER B 269 -2.60 -21.53 0.89
C SER B 269 -2.08 -21.77 2.33
N ASP B 270 -2.06 -20.70 3.13
CA ASP B 270 -1.51 -20.76 4.49
C ASP B 270 -2.60 -20.97 5.55
N GLU B 271 -2.73 -22.22 6.00
CA GLU B 271 -3.78 -22.63 6.95
C GLU B 271 -3.65 -21.87 8.26
N TRP B 272 -2.40 -21.50 8.58
CA TRP B 272 -2.06 -20.80 9.81
C TRP B 272 -2.56 -19.33 9.77
N VAL B 273 -2.66 -18.78 8.55
CA VAL B 273 -3.02 -17.39 8.34
C VAL B 273 -4.52 -17.21 8.49
N GLU B 274 -5.29 -18.16 7.92
CA GLU B 274 -6.72 -18.37 8.25
C GLU B 274 -6.86 -18.61 9.74
N ARG B 275 -6.03 -19.53 10.22
CA ARG B 275 -6.09 -19.95 11.58
C ARG B 275 -5.77 -18.82 12.52
N TYR B 276 -4.61 -18.15 12.33
CA TYR B 276 -4.20 -17.09 13.26
C TYR B 276 -5.27 -15.93 13.36
N ARG B 277 -6.03 -15.64 12.31
CA ARG B 277 -7.05 -14.61 12.42
C ARG B 277 -8.02 -14.91 13.57
N ARG B 278 -8.73 -16.05 13.47
CA ARG B 278 -9.82 -16.47 14.37
C ARG B 278 -9.49 -16.17 15.83
N ASP B 279 -8.29 -16.64 16.19
CA ASP B 279 -7.70 -16.68 17.52
C ASP B 279 -7.45 -15.31 18.14
N LEU B 285 -5.46 -10.62 20.34
CA LEU B 285 -4.11 -10.75 19.76
C LEU B 285 -3.89 -9.66 18.70
N PRO B 286 -2.64 -9.34 18.33
CA PRO B 286 -2.38 -8.24 17.42
C PRO B 286 -2.35 -8.63 15.91
N LEU B 287 -2.52 -7.62 15.05
CA LEU B 287 -2.42 -7.78 13.60
C LEU B 287 -1.72 -6.61 12.91
N HIS C 24 -21.89 -1.27 -17.93
CA HIS C 24 -21.89 0.10 -17.32
C HIS C 24 -22.55 0.13 -15.91
N PRO C 25 -21.71 0.02 -14.88
CA PRO C 25 -22.14 0.11 -13.49
C PRO C 25 -22.81 1.47 -13.22
N THR C 26 -24.01 1.38 -12.66
CA THR C 26 -24.80 2.52 -12.33
C THR C 26 -24.77 2.71 -10.80
N ALA C 27 -23.71 2.21 -10.14
CA ALA C 27 -23.60 2.36 -8.69
C ALA C 27 -22.22 2.05 -8.26
N TYR C 28 -21.79 2.54 -7.10
CA TYR C 28 -20.49 2.14 -6.51
C TYR C 28 -20.54 2.15 -5.01
N LEU C 29 -19.60 1.45 -4.35
CA LEU C 29 -19.47 1.46 -2.89
C LEU C 29 -18.05 1.73 -2.40
N VAL C 30 -17.80 2.80 -1.69
CA VAL C 30 -16.50 2.93 -1.04
C VAL C 30 -16.31 2.07 0.25
N LEU C 31 -15.41 1.10 0.18
CA LEU C 31 -15.20 0.09 1.22
C LEU C 31 -14.08 0.62 2.08
N ALA C 32 -14.19 0.59 3.41
CA ALA C 32 -13.20 1.34 4.20
C ALA C 32 -13.29 1.19 5.68
N SER C 33 -12.83 2.19 6.40
CA SER C 33 -12.89 2.16 7.87
C SER C 33 -12.87 3.59 8.39
N GLN C 34 -13.08 3.75 9.69
CA GLN C 34 -13.42 5.09 10.16
C GLN C 34 -12.19 5.98 10.14
N ARG C 35 -12.30 7.15 9.51
CA ARG C 35 -11.30 8.20 9.58
C ARG C 35 -10.08 7.75 8.79
N SER C 36 -10.40 7.06 7.71
CA SER C 36 -9.44 6.38 6.87
C SER C 36 -9.19 7.18 5.62
N GLY C 37 -9.90 8.29 5.46
CA GLY C 37 -9.78 9.07 4.24
C GLY C 37 -10.92 8.93 3.25
N SER C 38 -11.77 7.93 3.46
CA SER C 38 -12.84 7.63 2.52
C SER C 38 -13.90 8.73 2.50
N THR C 39 -13.92 9.56 3.53
CA THR C 39 -14.83 10.70 3.52
C THR C 39 -14.36 11.77 2.59
N LEU C 40 -13.05 11.88 2.41
CA LEU C 40 -12.55 12.80 1.44
C LEU C 40 -13.00 12.36 0.07
N LEU C 41 -12.72 11.11 -0.31
CA LEU C 41 -13.10 10.63 -1.65
C LEU C 41 -14.54 10.94 -1.97
N VAL C 42 -15.43 10.60 -1.03
CA VAL C 42 -16.84 10.49 -1.31
C VAL C 42 -17.50 11.84 -1.44
N GLU C 43 -17.13 12.78 -0.58
CA GLU C 43 -17.66 14.12 -0.66
C GLU C 43 -17.37 14.76 -2.01
N SER C 44 -16.15 14.53 -2.48
CA SER C 44 -15.75 15.01 -3.74
C SER C 44 -16.57 14.38 -4.85
N LEU C 45 -16.77 13.07 -4.81
CA LEU C 45 -17.70 12.42 -5.72
C LEU C 45 -19.07 13.16 -5.69
N ARG C 46 -19.57 13.39 -4.48
CA ARG C 46 -20.86 14.00 -4.32
C ARG C 46 -20.94 15.32 -5.07
N ALA C 47 -19.88 16.14 -4.99
CA ALA C 47 -19.92 17.51 -5.58
C ALA C 47 -20.10 17.44 -7.06
N THR C 48 -19.75 16.30 -7.62
CA THR C 48 -19.92 16.02 -9.02
C THR C 48 -21.35 16.24 -9.48
N GLY C 49 -22.32 15.75 -8.70
CA GLY C 49 -23.72 15.85 -9.07
C GLY C 49 -24.14 14.67 -9.92
N VAL C 50 -23.23 13.74 -10.11
CA VAL C 50 -23.37 12.73 -11.14
C VAL C 50 -23.09 11.36 -10.54
N ALA C 51 -22.43 11.33 -9.37
CA ALA C 51 -22.10 10.12 -8.65
C ALA C 51 -23.20 10.08 -7.64
N GLY C 52 -23.03 9.60 -6.44
CA GLY C 52 -24.33 9.38 -5.74
C GLY C 52 -24.85 10.44 -4.81
N GLU C 53 -25.49 10.01 -3.74
CA GLU C 53 -25.53 10.80 -2.52
C GLU C 53 -25.01 9.79 -1.52
N PRO C 54 -23.73 9.50 -1.52
CA PRO C 54 -23.25 8.34 -0.76
C PRO C 54 -23.46 8.60 0.72
N GLN C 55 -23.90 7.64 1.52
CA GLN C 55 -24.05 7.93 2.94
C GLN C 55 -23.47 6.71 3.58
N GLU C 56 -23.16 6.74 4.85
CA GLU C 56 -22.94 5.46 5.49
C GLU C 56 -24.30 4.81 5.78
N PHE C 57 -25.05 4.39 4.74
CA PHE C 57 -26.40 3.82 4.99
C PHE C 57 -26.42 2.67 5.91
N PHE C 58 -25.28 2.08 6.23
CA PHE C 58 -25.29 0.81 6.91
C PHE C 58 -24.74 0.87 8.30
N GLN C 59 -24.49 2.07 8.80
CA GLN C 59 -23.87 2.20 10.11
C GLN C 59 -24.88 2.00 11.29
N TYR C 60 -26.19 2.09 11.02
CA TYR C 60 -27.23 2.03 12.08
C TYR C 60 -27.35 0.61 12.71
N LEU C 61 -27.11 0.45 14.02
CA LEU C 61 -27.34 -0.87 14.65
C LEU C 61 -28.80 -1.27 14.60
N PRO C 62 -29.12 -2.45 14.10
CA PRO C 62 -30.52 -2.88 13.97
C PRO C 62 -31.16 -2.93 15.34
N ASN C 63 -30.35 -3.09 16.36
CA ASN C 63 -30.88 -3.24 17.69
C ASN C 63 -31.10 -1.92 18.47
N THR C 64 -30.62 -0.79 17.96
CA THR C 64 -30.74 0.50 18.65
C THR C 64 -31.25 1.52 17.71
N SER C 65 -31.15 1.22 16.42
CA SER C 65 -31.58 2.14 15.35
C SER C 65 -30.80 3.42 15.31
N MET C 66 -29.63 3.40 15.96
CA MET C 66 -28.65 4.48 15.88
C MET C 66 -27.26 4.03 15.36
N SER C 67 -26.42 4.96 14.93
CA SER C 67 -24.99 4.72 14.82
C SER C 67 -24.40 4.20 16.10
N PRO C 68 -23.30 3.48 16.01
CA PRO C 68 -22.61 3.01 17.23
C PRO C 68 -22.20 4.17 18.10
N GLN C 69 -22.46 4.07 19.39
CA GLN C 69 -22.12 5.14 20.30
C GLN C 69 -20.73 4.84 20.89
N PRO C 70 -20.08 5.80 21.54
CA PRO C 70 -18.78 5.54 22.15
C PRO C 70 -18.77 4.32 23.04
N ARG C 71 -19.68 4.25 24.01
CA ARG C 71 -19.62 3.12 24.93
C ARG C 71 -19.92 1.82 24.23
N GLU C 72 -20.34 1.88 22.98
CA GLU C 72 -20.58 0.64 22.29
C GLU C 72 -19.32 0.18 21.65
N TRP C 73 -18.50 1.11 21.17
CA TRP C 73 -17.20 0.75 20.65
C TRP C 73 -16.33 0.08 21.72
N PHE C 74 -16.48 0.48 22.98
CA PHE C 74 -15.57 0.02 24.01
C PHE C 74 -16.28 -0.86 24.96
N ALA C 75 -17.34 -1.53 24.50
CA ALA C 75 -18.15 -2.36 25.39
C ALA C 75 -17.36 -3.52 25.99
N ASP C 76 -16.45 -4.06 25.22
CA ASP C 76 -15.62 -5.15 25.68
C ASP C 76 -14.49 -4.72 26.61
N VAL C 77 -14.24 -3.42 26.76
CA VAL C 77 -13.18 -3.02 27.70
C VAL C 77 -13.76 -2.87 29.08
N GLU C 78 -12.90 -2.97 30.09
CA GLU C 78 -13.33 -2.83 31.47
C GLU C 78 -12.53 -1.76 32.22
N ASP C 79 -11.50 -1.21 31.58
CA ASP C 79 -10.72 -0.15 32.22
C ASP C 79 -11.54 1.14 32.38
N GLN C 80 -11.90 1.42 33.63
CA GLN C 80 -12.94 2.38 33.96
C GLN C 80 -12.46 3.81 33.83
N SER C 81 -11.31 3.98 33.20
CA SER C 81 -10.71 5.30 33.00
C SER C 81 -10.49 5.54 31.52
N ILE C 82 -10.86 4.54 30.71
CA ILE C 82 -11.28 4.79 29.35
C ILE C 82 -12.73 5.29 29.39
N LEU C 83 -13.57 4.55 30.09
CA LEU C 83 -14.99 4.72 29.97
C LEU C 83 -15.40 5.98 30.68
N ARG C 84 -14.44 6.56 31.41
CA ARG C 84 -14.61 7.82 32.13
C ARG C 84 -14.78 8.94 31.12
N LEU C 85 -14.13 8.76 29.99
CA LEU C 85 -14.08 9.79 28.99
C LEU C 85 -15.30 9.88 28.03
N LEU C 86 -16.30 9.00 28.20
CA LEU C 86 -17.25 8.77 27.10
C LEU C 86 -18.65 9.16 27.43
N ASP C 87 -19.32 9.76 26.47
CA ASP C 87 -20.69 10.15 26.69
C ASP C 87 -21.52 8.97 27.18
N PRO C 88 -22.50 9.25 28.01
CA PRO C 88 -23.47 8.26 28.40
C PRO C 88 -24.08 7.51 27.22
N LEU C 89 -24.32 6.24 27.46
CA LEU C 89 -25.10 5.39 26.59
C LEU C 89 -26.54 5.86 26.48
N ILE C 90 -26.96 6.21 25.28
CA ILE C 90 -28.35 6.48 25.07
C ILE C 90 -28.98 5.17 24.65
N GLU C 91 -30.21 4.95 25.07
CA GLU C 91 -30.89 3.71 24.80
C GLU C 91 -31.66 3.97 23.54
N GLY C 92 -31.75 2.99 22.66
CA GLY C 92 -32.46 3.21 21.42
C GLY C 92 -33.39 2.05 21.25
N LYS C 93 -34.06 1.97 20.12
CA LYS C 93 -34.99 0.86 19.92
C LYS C 93 -34.58 0.01 18.72
N PRO C 94 -35.06 -1.23 18.69
CA PRO C 94 -34.84 -2.12 17.56
C PRO C 94 -35.49 -1.55 16.35
N ASP C 95 -34.86 -1.69 15.19
CA ASP C 95 -35.41 -1.22 13.95
C ASP C 95 -36.40 -2.28 13.48
N LEU C 96 -37.66 -1.91 13.37
CA LEU C 96 -38.70 -2.86 13.00
C LEU C 96 -39.21 -2.62 11.59
N ALA C 97 -38.64 -1.69 10.87
CA ALA C 97 -38.99 -1.59 9.48
C ALA C 97 -38.81 -2.92 8.74
N PRO C 98 -39.79 -3.22 7.91
CA PRO C 98 -39.70 -4.39 7.01
C PRO C 98 -38.52 -4.17 6.05
N ALA C 99 -37.79 -5.23 5.71
CA ALA C 99 -36.57 -5.14 4.83
C ALA C 99 -36.76 -4.43 3.55
N THR C 100 -37.86 -4.69 2.83
CA THR C 100 -37.99 -4.11 1.53
C THR C 100 -38.13 -2.64 1.67
N ILE C 101 -38.86 -2.17 2.66
CA ILE C 101 -38.94 -0.76 2.90
C ILE C 101 -37.57 -0.15 3.15
N TRP C 102 -36.76 -0.79 3.98
CA TRP C 102 -35.43 -0.30 4.29
C TRP C 102 -34.59 -0.24 3.04
N ARG C 103 -34.69 -1.24 2.19
CA ARG C 103 -33.84 -1.27 1.04
C ARG C 103 -34.33 -0.23 0.07
N ASP C 104 -35.62 -0.08 -0.03
CA ASP C 104 -36.13 0.81 -1.05
C ASP C 104 -35.82 2.24 -0.71
N TYR C 105 -35.92 2.61 0.57
CA TYR C 105 -35.42 3.88 1.08
C TYR C 105 -33.96 4.15 0.69
N ILE C 106 -33.07 3.16 0.91
CA ILE C 106 -31.66 3.35 0.57
C ILE C 106 -31.49 3.58 -0.95
N GLN C 107 -32.11 2.75 -1.76
CA GLN C 107 -31.91 2.83 -3.18
C GLN C 107 -32.31 4.19 -3.67
N THR C 108 -33.40 4.74 -3.19
CA THR C 108 -33.75 6.06 -3.67
C THR C 108 -32.95 7.25 -3.09
N VAL C 109 -32.54 7.19 -1.85
CA VAL C 109 -31.90 8.35 -1.28
C VAL C 109 -30.49 8.50 -1.80
N GLY C 110 -29.80 7.38 -2.03
CA GLY C 110 -28.47 7.44 -2.55
C GLY C 110 -28.30 7.84 -4.01
N ARG C 111 -29.37 8.07 -4.76
CA ARG C 111 -29.22 8.23 -6.21
C ARG C 111 -29.18 9.66 -6.56
N THR C 112 -28.41 10.04 -7.57
CA THR C 112 -28.54 11.36 -8.20
C THR C 112 -29.56 11.23 -9.32
N PRO C 113 -30.04 12.32 -9.90
CA PRO C 113 -31.06 12.14 -10.94
C PRO C 113 -30.53 11.37 -12.19
N ASN C 114 -29.22 11.10 -12.32
CA ASN C 114 -28.83 10.35 -13.51
C ASN C 114 -29.03 8.90 -13.28
N GLY C 115 -29.59 8.53 -12.13
CA GLY C 115 -29.80 7.14 -11.81
C GLY C 115 -28.62 6.50 -11.12
N VAL C 116 -27.49 7.19 -11.04
CA VAL C 116 -26.33 6.66 -10.32
C VAL C 116 -26.48 6.71 -8.77
N TRP C 117 -26.16 5.60 -8.13
CA TRP C 117 -26.23 5.47 -6.70
C TRP C 117 -24.84 5.32 -6.12
N GLY C 118 -24.52 5.97 -4.98
CA GLY C 118 -23.29 5.63 -4.21
C GLY C 118 -23.44 5.40 -2.71
N GLY C 119 -22.44 4.84 -2.03
CA GLY C 119 -22.50 4.72 -0.56
C GLY C 119 -21.15 4.34 0.05
N LYS C 120 -21.05 4.25 1.37
CA LYS C 120 -19.82 3.88 2.06
C LYS C 120 -20.23 2.74 2.89
N LEU C 121 -19.28 1.84 3.18
CA LEU C 121 -19.49 0.60 3.90
C LEU C 121 -18.22 0.32 4.68
N MET C 122 -18.29 0.06 5.97
CA MET C 122 -17.09 -0.10 6.76
C MET C 122 -17.03 -1.52 7.21
N TRP C 123 -15.82 -2.08 7.42
CA TRP C 123 -15.77 -3.52 7.70
C TRP C 123 -16.73 -3.88 8.81
N ASN C 124 -16.76 -3.06 9.87
CA ASN C 124 -17.54 -3.43 11.08
C ASN C 124 -19.02 -3.37 10.79
N GLN C 125 -19.39 -2.80 9.66
CA GLN C 125 -20.76 -2.73 9.27
C GLN C 125 -21.22 -3.87 8.43
N THR C 126 -20.32 -4.78 8.04
CA THR C 126 -20.69 -5.78 7.04
C THR C 126 -21.71 -6.79 7.53
N PRO C 127 -21.58 -7.29 8.73
CA PRO C 127 -22.56 -8.26 9.17
C PRO C 127 -23.89 -7.60 9.37
N LEU C 128 -23.97 -6.28 9.50
CA LEU C 128 -25.26 -5.64 9.68
C LEU C 128 -25.99 -5.57 8.36
N LEU C 129 -25.25 -5.21 7.30
CA LEU C 129 -25.83 -5.26 5.96
C LEU C 129 -26.33 -6.68 5.70
N VAL C 130 -25.49 -7.68 5.97
CA VAL C 130 -25.94 -9.01 5.65
C VAL C 130 -27.14 -9.36 6.46
N GLN C 131 -27.10 -9.18 7.78
CA GLN C 131 -28.33 -9.42 8.57
C GLN C 131 -29.59 -8.69 8.07
N ARG C 132 -29.52 -7.41 7.76
CA ARG C 132 -30.78 -6.78 7.35
C ARG C 132 -31.30 -7.33 6.02
N ALA C 133 -30.41 -8.00 5.28
CA ALA C 133 -30.67 -8.37 3.92
C ALA C 133 -31.34 -9.74 3.90
N LYS C 134 -31.10 -10.47 4.96
CA LYS C 134 -31.40 -11.87 5.01
C LYS C 134 -32.77 -12.29 4.58
N ASP C 135 -33.79 -11.49 4.76
CA ASP C 135 -35.10 -12.04 4.44
C ASP C 135 -35.69 -11.35 3.31
N LEU C 136 -34.85 -10.62 2.58
CA LEU C 136 -35.31 -9.97 1.37
C LEU C 136 -35.87 -11.06 0.47
N PRO C 137 -36.97 -10.78 -0.23
CA PRO C 137 -37.61 -11.79 -1.07
C PRO C 137 -36.70 -12.37 -2.20
N ASP C 138 -35.80 -11.63 -2.81
CA ASP C 138 -35.04 -12.22 -3.92
C ASP C 138 -33.62 -12.49 -3.48
N ARG C 139 -33.46 -12.71 -2.20
CA ARG C 139 -32.18 -12.91 -1.67
C ARG C 139 -31.58 -14.01 -2.57
N SER C 140 -30.37 -13.75 -3.03
CA SER C 140 -29.80 -14.38 -4.20
C SER C 140 -28.53 -15.05 -3.78
N GLY C 141 -28.24 -15.05 -2.48
CA GLY C 141 -27.12 -15.80 -1.90
C GLY C 141 -27.10 -15.67 -0.38
N SER C 142 -25.92 -15.77 0.20
CA SER C 142 -25.75 -15.72 1.63
C SER C 142 -24.56 -14.90 2.05
N GLY C 143 -23.65 -14.60 1.11
CA GLY C 143 -22.46 -13.88 1.49
C GLY C 143 -22.65 -12.38 1.46
N LEU C 144 -21.64 -11.66 1.95
CA LEU C 144 -21.63 -10.22 1.88
C LEU C 144 -21.84 -9.74 0.48
N LEU C 145 -21.26 -10.40 -0.50
CA LEU C 145 -21.24 -9.89 -1.85
C LEU C 145 -22.61 -10.01 -2.50
N SER C 146 -23.24 -11.17 -2.40
CA SER C 146 -24.60 -11.23 -2.87
C SER C 146 -25.52 -10.29 -2.07
N ALA C 147 -25.21 -10.04 -0.80
CA ALA C 147 -26.10 -9.16 -0.06
C ALA C 147 -26.05 -7.78 -0.73
N ILE C 148 -24.84 -7.24 -0.89
CA ILE C 148 -24.59 -5.96 -1.54
C ILE C 148 -25.31 -5.84 -2.85
N ARG C 149 -25.34 -6.92 -3.61
CA ARG C 149 -26.11 -6.90 -4.87
C ARG C 149 -27.54 -6.70 -4.59
N ASP C 150 -28.10 -7.48 -3.67
CA ASP C 150 -29.56 -7.50 -3.41
C ASP C 150 -30.02 -6.17 -2.80
N VAL C 151 -29.18 -5.58 -1.96
CA VAL C 151 -29.52 -4.32 -1.37
C VAL C 151 -29.36 -3.28 -2.45
N VAL C 152 -28.23 -3.29 -3.17
CA VAL C 152 -27.99 -2.15 -4.06
C VAL C 152 -28.83 -2.16 -5.34
N GLY C 153 -29.40 -3.29 -5.70
CA GLY C 153 -30.12 -3.44 -6.96
C GLY C 153 -29.22 -3.67 -8.17
N SER C 154 -27.93 -3.82 -7.95
CA SER C 154 -27.04 -4.05 -9.06
C SER C 154 -25.59 -4.20 -8.58
N ASP C 155 -24.68 -4.49 -9.48
CA ASP C 155 -23.40 -4.94 -9.02
C ASP C 155 -22.46 -3.77 -9.06
N PRO C 156 -22.08 -3.21 -7.93
CA PRO C 156 -21.53 -1.85 -7.96
C PRO C 156 -20.04 -1.85 -8.21
N VAL C 157 -19.50 -0.74 -8.68
CA VAL C 157 -18.05 -0.58 -8.69
C VAL C 157 -17.56 -0.61 -7.26
N LEU C 158 -16.57 -1.41 -6.91
CA LEU C 158 -16.11 -1.37 -5.52
C LEU C 158 -14.83 -0.59 -5.39
N ILE C 159 -14.69 0.27 -4.37
CA ILE C 159 -13.42 0.99 -4.12
C ILE C 159 -12.92 0.85 -2.68
N HIS C 160 -11.65 0.53 -2.47
CA HIS C 160 -11.16 0.27 -1.11
C HIS C 160 -10.17 1.33 -0.67
N ILE C 161 -10.36 1.90 0.50
CA ILE C 161 -9.53 3.02 0.94
C ILE C 161 -8.91 2.67 2.26
N HIS C 162 -7.58 2.60 2.31
CA HIS C 162 -6.85 2.35 3.57
C HIS C 162 -5.82 3.44 3.87
N ARG C 163 -5.50 3.55 5.16
CA ARG C 163 -4.67 4.58 5.69
C ARG C 163 -3.57 3.78 6.43
N PRO C 164 -2.36 3.73 5.87
CA PRO C 164 -1.35 2.85 6.46
C PRO C 164 -0.80 3.43 7.74
N ASP C 165 -0.86 4.74 7.99
CA ASP C 165 -0.45 5.15 9.32
C ASP C 165 -1.55 4.96 10.36
N VAL C 166 -1.56 3.78 10.92
CA VAL C 166 -2.63 3.38 11.79
C VAL C 166 -2.61 4.07 13.14
N VAL C 167 -1.51 4.68 13.51
CA VAL C 167 -1.50 5.39 14.79
C VAL C 167 -2.13 6.76 14.58
N SER C 168 -1.94 7.31 13.39
CA SER C 168 -2.56 8.59 13.09
C SER C 168 -4.07 8.38 12.99
N GLN C 169 -4.48 7.35 12.22
CA GLN C 169 -5.87 6.91 12.19
C GLN C 169 -6.47 6.74 13.55
N ALA C 170 -5.90 5.84 14.34
CA ALA C 170 -6.43 5.56 15.66
C ALA C 170 -6.64 6.81 16.49
N VAL C 171 -5.62 7.66 16.55
CA VAL C 171 -5.73 8.85 17.39
C VAL C 171 -6.84 9.74 16.83
N SER C 172 -7.00 9.76 15.51
CA SER C 172 -8.09 10.53 14.93
C SER C 172 -9.42 9.95 15.44
N PHE C 173 -9.59 8.64 15.26
CA PHE C 173 -10.72 7.92 15.76
C PHE C 173 -10.94 8.25 17.20
N TRP C 174 -9.90 8.22 18.02
CA TRP C 174 -10.10 8.33 19.46
C TRP C 174 -10.42 9.76 19.92
N ARG C 175 -9.99 10.75 19.13
CA ARG C 175 -10.49 12.11 19.34
C ARG C 175 -11.97 12.17 18.99
N ALA C 176 -12.32 11.67 17.82
CA ALA C 176 -13.69 11.72 17.34
C ALA C 176 -14.67 11.05 18.33
N VAL C 177 -14.44 9.76 18.63
CA VAL C 177 -15.29 9.01 19.57
C VAL C 177 -15.53 9.73 20.90
N GLN C 178 -14.67 10.69 21.22
CA GLN C 178 -14.87 11.52 22.41
C GLN C 178 -15.65 12.84 22.21
N THR C 179 -15.42 13.49 21.08
CA THR C 179 -15.99 14.82 20.83
C THR C 179 -17.30 14.67 20.11
N ARG C 180 -17.53 13.49 19.56
CA ARG C 180 -18.70 13.19 18.74
C ARG C 180 -18.62 13.95 17.43
N VAL C 181 -17.44 14.44 17.07
CA VAL C 181 -17.22 15.11 15.79
C VAL C 181 -16.25 14.29 14.98
N TRP C 182 -16.57 13.96 13.74
CA TRP C 182 -15.73 13.04 12.99
C TRP C 182 -15.21 13.69 11.75
N ARG C 183 -15.05 15.02 11.83
CA ARG C 183 -14.47 15.86 10.77
C ARG C 183 -13.46 16.89 11.28
N ALA C 194 -11.71 15.93 25.72
CA ALA C 194 -10.86 14.89 25.11
C ALA C 194 -9.48 14.82 25.75
N GLU C 195 -8.93 13.62 25.84
CA GLU C 195 -7.64 13.39 26.50
C GLU C 195 -6.85 12.34 25.78
N TYR C 196 -5.55 12.28 26.06
CA TYR C 196 -4.75 11.13 25.67
C TYR C 196 -5.08 9.92 26.56
N HIS C 197 -5.02 8.73 25.97
CA HIS C 197 -5.13 7.51 26.72
C HIS C 197 -4.51 6.39 25.91
N ALA C 198 -3.39 5.86 26.39
CA ALA C 198 -2.61 4.91 25.60
C ALA C 198 -3.45 3.69 25.33
N GLY C 199 -4.08 3.18 26.39
CA GLY C 199 -4.93 2.00 26.30
C GLY C 199 -6.00 2.18 25.24
N ALA C 200 -6.72 3.29 25.38
CA ALA C 200 -7.70 3.65 24.40
C ALA C 200 -7.13 3.52 22.98
N ILE C 201 -6.04 4.21 22.70
CA ILE C 201 -5.57 4.27 21.32
C ILE C 201 -5.16 2.89 20.86
N ALA C 202 -4.56 2.16 21.77
CA ALA C 202 -4.14 0.80 21.51
C ALA C 202 -5.35 0.00 21.06
N HIS C 203 -6.40 0.06 21.88
CA HIS C 203 -7.63 -0.68 21.61
C HIS C 203 -8.15 -0.39 20.21
N VAL C 204 -8.20 0.90 19.88
CA VAL C 204 -8.60 1.33 18.56
C VAL C 204 -7.69 0.76 17.50
N ILE C 205 -6.37 0.81 17.73
CA ILE C 205 -5.45 0.35 16.70
C ILE C 205 -5.78 -1.11 16.33
N THR C 206 -5.99 -1.96 17.34
CA THR C 206 -6.35 -3.33 17.06
C THR C 206 -7.66 -3.45 16.23
N MET C 207 -8.76 -2.82 16.69
CA MET C 207 -9.99 -2.85 15.92
C MET C 207 -9.77 -2.37 14.50
N LEU C 208 -9.02 -1.28 14.35
CA LEU C 208 -8.75 -0.83 12.98
C LEU C 208 -8.00 -1.86 12.17
N ARG C 209 -6.98 -2.48 12.79
CA ARG C 209 -6.21 -3.54 12.16
C ARG C 209 -7.16 -4.67 11.78
N ALA C 210 -7.99 -5.06 12.73
CA ALA C 210 -8.87 -6.19 12.51
C ALA C 210 -9.86 -5.91 11.38
N GLN C 211 -10.27 -4.65 11.26
CA GLN C 211 -11.07 -4.23 10.13
C GLN C 211 -10.30 -4.42 8.79
N GLU C 212 -9.12 -3.82 8.68
CA GLU C 212 -8.32 -4.02 7.45
C GLU C 212 -8.10 -5.50 7.13
N GLU C 213 -7.84 -6.28 8.16
CA GLU C 213 -7.72 -7.72 8.01
C GLU C 213 -9.00 -8.37 7.51
N GLY C 214 -10.16 -7.86 7.98
CA GLY C 214 -11.47 -8.32 7.52
C GLY C 214 -11.67 -8.12 6.02
N TRP C 215 -11.42 -6.90 5.55
CA TRP C 215 -11.53 -6.63 4.13
C TRP C 215 -10.54 -7.49 3.31
N ARG C 216 -9.29 -7.52 3.76
CA ARG C 216 -8.27 -8.31 3.06
C ARG C 216 -8.79 -9.73 2.75
N ALA C 217 -9.33 -10.40 3.76
CA ALA C 217 -9.78 -11.78 3.65
C ALA C 217 -10.92 -11.92 2.68
N TRP C 218 -11.84 -10.96 2.72
CA TRP C 218 -13.08 -11.06 2.01
C TRP C 218 -12.73 -10.92 0.54
N PHE C 219 -11.82 -10.01 0.22
CA PHE C 219 -11.35 -9.90 -1.18
C PHE C 219 -10.96 -11.27 -1.76
N THR C 220 -10.00 -11.96 -1.14
CA THR C 220 -9.62 -13.28 -1.65
C THR C 220 -10.71 -14.34 -1.52
N GLU C 221 -11.60 -14.18 -0.57
CA GLU C 221 -12.63 -15.18 -0.37
C GLU C 221 -13.72 -15.15 -1.44
N GLU C 222 -14.11 -13.95 -1.86
CA GLU C 222 -15.08 -13.82 -2.93
C GLU C 222 -14.43 -13.23 -4.20
N ASN C 223 -13.09 -13.20 -4.17
CA ASN C 223 -12.23 -12.70 -5.26
C ASN C 223 -12.86 -11.56 -6.00
N VAL C 224 -12.74 -10.37 -5.43
CA VAL C 224 -13.15 -9.14 -6.04
C VAL C 224 -11.89 -8.31 -6.05
N GLU C 225 -11.80 -7.37 -6.98
CA GLU C 225 -10.63 -6.53 -7.01
C GLU C 225 -11.12 -5.12 -7.13
N PRO C 226 -11.07 -4.39 -6.01
CA PRO C 226 -11.54 -3.02 -5.97
C PRO C 226 -10.43 -2.06 -6.38
N ILE C 227 -10.81 -0.94 -6.98
CA ILE C 227 -9.91 0.17 -7.04
C ILE C 227 -9.31 0.30 -5.65
N ASP C 228 -7.99 0.33 -5.57
CA ASP C 228 -7.37 0.40 -4.27
C ASP C 228 -6.69 1.73 -4.14
N VAL C 229 -6.66 2.34 -2.96
CA VAL C 229 -5.96 3.60 -2.82
C VAL C 229 -5.57 3.85 -1.39
N ASP C 230 -4.37 4.31 -1.16
CA ASP C 230 -3.99 4.75 0.18
C ASP C 230 -4.25 6.24 0.40
N TYR C 231 -4.39 6.58 1.66
CA TYR C 231 -4.84 7.90 2.03
C TYR C 231 -3.86 8.97 1.62
N PRO C 232 -2.57 8.86 2.01
CA PRO C 232 -1.53 9.77 1.48
C PRO C 232 -1.60 9.98 -0.02
N TYR C 233 -1.71 8.91 -0.80
CA TYR C 233 -1.87 9.00 -2.25
C TYR C 233 -3.07 9.84 -2.59
N LEU C 234 -4.18 9.50 -1.93
CA LEU C 234 -5.45 10.16 -2.13
C LEU C 234 -5.42 11.65 -1.72
N TRP C 235 -4.74 11.96 -0.62
CA TRP C 235 -4.80 13.26 0.02
C TRP C 235 -3.93 14.30 -0.68
N ARG C 236 -3.07 13.81 -1.56
CA ARG C 236 -2.60 14.62 -2.68
C ARG C 236 -3.55 14.39 -3.87
N ASN C 237 -3.41 13.24 -4.56
CA ASN C 237 -3.98 13.09 -5.92
C ASN C 237 -5.54 13.02 -6.09
N LEU C 238 -6.28 13.60 -5.14
CA LEU C 238 -7.77 13.52 -5.12
C LEU C 238 -8.46 13.58 -6.50
N THR C 239 -8.05 14.52 -7.34
CA THR C 239 -8.70 14.74 -8.63
C THR C 239 -8.38 13.59 -9.53
N GLU C 240 -7.30 12.90 -9.18
CA GLU C 240 -6.94 11.73 -9.92
C GLU C 240 -7.99 10.70 -9.57
N VAL C 241 -8.09 10.42 -8.28
CA VAL C 241 -8.89 9.30 -7.79
C VAL C 241 -10.34 9.43 -8.27
N VAL C 242 -10.87 10.66 -8.14
CA VAL C 242 -12.24 11.00 -8.55
C VAL C 242 -12.55 10.66 -9.99
N GLY C 243 -11.62 11.03 -10.88
CA GLY C 243 -11.73 10.73 -12.30
C GLY C 243 -11.85 9.24 -12.57
N THR C 244 -10.93 8.46 -12.01
CA THR C 244 -10.94 7.01 -12.29
C THR C 244 -12.35 6.45 -11.97
N VAL C 245 -12.87 6.77 -10.78
CA VAL C 245 -14.18 6.29 -10.34
C VAL C 245 -15.22 6.72 -11.35
N LEU C 246 -15.06 7.94 -11.82
CA LEU C 246 -16.03 8.57 -12.64
C LEU C 246 -16.10 7.90 -14.00
N GLU C 247 -14.92 7.73 -14.62
CA GLU C 247 -14.79 6.91 -15.83
C GLU C 247 -15.43 5.56 -15.54
N ALA C 248 -14.95 4.95 -14.44
CA ALA C 248 -15.43 3.66 -14.00
C ALA C 248 -16.95 3.56 -13.88
N LEU C 249 -17.63 4.69 -13.60
CA LEU C 249 -19.07 4.75 -13.57
C LEU C 249 -19.70 5.20 -14.88
N GLY C 250 -18.86 5.35 -15.90
CA GLY C 250 -19.27 5.88 -17.20
C GLY C 250 -19.70 7.35 -17.24
N GLN C 251 -19.01 8.18 -16.47
CA GLN C 251 -19.38 9.57 -16.42
C GLN C 251 -18.18 10.42 -16.79
N ASP C 252 -18.39 11.58 -17.43
CA ASP C 252 -17.23 12.36 -17.89
C ASP C 252 -16.29 12.79 -16.75
N PRO C 253 -15.05 12.40 -16.89
CA PRO C 253 -14.04 12.55 -15.83
C PRO C 253 -13.67 13.96 -15.52
N ARG C 254 -13.86 14.89 -16.44
CA ARG C 254 -13.44 16.29 -16.22
C ARG C 254 -14.17 16.88 -15.00
N LEU C 255 -15.06 16.10 -14.42
CA LEU C 255 -15.94 16.61 -13.38
C LEU C 255 -15.29 16.65 -11.99
N ALA C 256 -14.15 15.98 -11.85
CA ALA C 256 -13.42 15.96 -10.59
C ALA C 256 -13.01 17.36 -10.15
N PRO C 257 -13.44 17.81 -8.96
CA PRO C 257 -13.01 19.13 -8.44
C PRO C 257 -11.47 19.21 -8.30
N LYS C 258 -10.89 20.34 -8.71
CA LYS C 258 -9.43 20.48 -8.91
C LYS C 258 -8.66 20.72 -7.61
N PRO C 259 -7.35 20.38 -7.56
CA PRO C 259 -6.54 20.50 -6.33
C PRO C 259 -6.33 21.94 -5.84
N ASP C 270 0.14 16.64 15.05
CA ASP C 270 -0.66 16.18 16.18
C ASP C 270 0.14 15.60 17.36
N GLU C 271 0.10 16.31 18.48
CA GLU C 271 0.84 15.97 19.68
C GLU C 271 0.60 14.55 20.21
N TRP C 272 -0.62 14.02 20.07
CA TRP C 272 -0.96 12.65 20.54
C TRP C 272 -0.36 11.57 19.64
N VAL C 273 -0.32 11.83 18.35
CA VAL C 273 0.21 10.85 17.44
C VAL C 273 1.62 10.53 17.89
N GLU C 274 2.41 11.58 18.12
CA GLU C 274 3.75 11.43 18.70
C GLU C 274 3.66 10.77 20.10
N ARG C 275 2.96 11.42 21.03
CA ARG C 275 2.88 10.94 22.41
C ARG C 275 2.55 9.45 22.55
N TYR C 276 2.12 8.80 21.48
CA TYR C 276 1.80 7.38 21.53
C TYR C 276 2.97 6.63 20.98
N ARG C 277 3.60 7.15 19.96
CA ARG C 277 4.79 6.52 19.41
C ARG C 277 5.78 6.26 20.53
N ARG C 278 6.03 7.30 21.32
CA ARG C 278 6.90 7.18 22.48
C ARG C 278 6.36 6.09 23.41
N ASP C 279 5.07 6.13 23.75
CA ASP C 279 4.43 5.11 24.61
C ASP C 279 4.49 3.67 24.06
N ALA C 280 4.35 3.54 22.74
CA ALA C 280 4.38 2.26 22.06
C ALA C 280 5.72 1.63 22.32
N GLN C 281 6.78 2.40 22.07
CA GLN C 281 8.14 1.92 22.29
C GLN C 281 8.30 1.40 23.71
N ARG C 282 8.04 2.29 24.68
CA ARG C 282 8.24 1.97 26.08
C ARG C 282 7.55 0.68 26.52
N ASP C 283 6.31 0.46 26.07
CA ASP C 283 5.44 -0.58 26.67
C ASP C 283 4.96 -1.71 25.74
N GLY C 284 5.50 -1.76 24.52
CA GLY C 284 5.16 -2.81 23.56
C GLY C 284 3.69 -2.77 23.18
N LEU C 285 3.15 -1.56 23.02
CA LEU C 285 1.77 -1.36 22.60
C LEU C 285 1.59 -1.55 21.08
N PRO C 286 0.38 -1.89 20.66
CA PRO C 286 0.08 -2.12 19.25
C PRO C 286 0.38 -0.98 18.26
N LEU C 287 0.78 -1.40 17.08
CA LEU C 287 0.84 -0.55 15.93
C LEU C 287 0.40 -1.45 14.78
N ASP D 23 -29.94 27.94 24.84
CA ASP D 23 -31.17 27.24 24.38
C ASP D 23 -30.98 26.62 22.98
N HIS D 24 -29.72 26.37 22.61
CA HIS D 24 -29.38 25.83 21.29
C HIS D 24 -30.51 24.92 20.70
N PRO D 25 -31.15 25.37 19.61
CA PRO D 25 -31.97 24.46 18.79
C PRO D 25 -31.07 23.38 18.16
N THR D 26 -31.65 22.25 17.77
CA THR D 26 -30.83 21.10 17.42
C THR D 26 -31.04 20.72 15.97
N ALA D 27 -31.57 21.64 15.17
CA ALA D 27 -31.83 21.36 13.78
C ALA D 27 -31.78 22.61 12.97
N TYR D 28 -31.46 22.47 11.67
CA TYR D 28 -31.77 23.57 10.70
C TYR D 28 -32.41 23.14 9.38
N LEU D 29 -33.16 24.03 8.75
CA LEU D 29 -33.75 23.73 7.46
C LEU D 29 -33.44 24.86 6.49
N VAL D 30 -32.76 24.58 5.39
CA VAL D 30 -32.62 25.66 4.42
C VAL D 30 -33.84 25.73 3.48
N LEU D 31 -34.57 26.83 3.48
CA LEU D 31 -35.72 26.98 2.60
C LEU D 31 -35.32 27.70 1.32
N ALA D 32 -35.54 27.10 0.17
CA ALA D 32 -35.07 27.74 -1.05
C ALA D 32 -35.81 27.22 -2.25
N SER D 33 -35.14 27.31 -3.41
CA SER D 33 -35.66 26.78 -4.67
C SER D 33 -34.46 26.25 -5.42
N GLN D 34 -34.69 25.61 -6.56
CA GLN D 34 -33.64 24.82 -7.23
C GLN D 34 -32.53 25.71 -7.84
N ARG D 35 -31.28 25.31 -7.61
CA ARG D 35 -30.07 25.98 -8.15
C ARG D 35 -29.95 27.43 -7.64
N SER D 36 -30.19 27.61 -6.34
CA SER D 36 -30.29 28.92 -5.76
C SER D 36 -29.14 29.27 -4.86
N GLY D 37 -28.28 28.32 -4.55
CA GLY D 37 -27.25 28.56 -3.55
C GLY D 37 -27.44 27.60 -2.40
N SER D 38 -28.67 27.25 -2.10
CA SER D 38 -28.91 26.41 -0.95
C SER D 38 -27.95 25.23 -0.90
N THR D 39 -27.66 24.60 -2.03
CA THR D 39 -26.86 23.39 -1.90
C THR D 39 -25.38 23.70 -1.64
N LEU D 40 -25.02 24.95 -1.82
CA LEU D 40 -23.65 25.42 -1.64
C LEU D 40 -23.47 25.68 -0.17
N LEU D 41 -24.49 26.27 0.45
CA LEU D 41 -24.50 26.50 1.89
C LEU D 41 -24.48 25.19 2.59
N VAL D 42 -25.32 24.29 2.13
CA VAL D 42 -25.58 23.04 2.82
C VAL D 42 -24.29 22.20 2.80
N GLU D 43 -23.69 22.02 1.63
CA GLU D 43 -22.47 21.18 1.59
C GLU D 43 -21.35 21.69 2.46
N SER D 44 -21.28 23.00 2.67
CA SER D 44 -20.25 23.51 3.54
C SER D 44 -20.56 23.11 4.95
N LEU D 45 -21.82 23.24 5.35
CA LEU D 45 -22.24 22.88 6.67
C LEU D 45 -21.91 21.43 6.92
N ARG D 46 -22.23 20.55 5.97
CA ARG D 46 -21.98 19.12 6.16
C ARG D 46 -20.51 18.91 6.51
N ALA D 47 -19.66 19.74 5.93
CA ALA D 47 -18.23 19.51 6.04
C ALA D 47 -17.76 19.64 7.47
N THR D 48 -18.51 20.37 8.29
CA THR D 48 -18.05 20.64 9.63
C THR D 48 -18.26 19.46 10.53
N GLY D 49 -19.05 18.50 10.07
CA GLY D 49 -19.31 17.28 10.83
C GLY D 49 -20.07 17.53 12.14
N VAL D 50 -20.74 18.66 12.21
CA VAL D 50 -21.25 19.08 13.46
C VAL D 50 -22.64 19.59 13.23
N ALA D 51 -23.05 19.54 11.96
CA ALA D 51 -24.28 20.14 11.47
C ALA D 51 -24.99 19.20 10.49
N GLY D 52 -25.16 17.97 10.89
CA GLY D 52 -26.04 17.07 10.15
C GLY D 52 -25.52 16.60 8.82
N GLU D 53 -26.41 15.96 8.07
CA GLU D 53 -26.18 15.44 6.74
C GLU D 53 -27.41 15.86 5.96
N PRO D 54 -27.44 17.10 5.49
CA PRO D 54 -28.65 17.72 4.93
C PRO D 54 -28.95 17.15 3.57
N GLN D 55 -30.16 16.72 3.29
CA GLN D 55 -30.44 16.12 2.00
C GLN D 55 -31.66 16.81 1.61
N GLU D 56 -32.03 16.76 0.34
CA GLU D 56 -33.37 17.19 0.01
C GLU D 56 -34.28 16.01 0.39
N PHE D 57 -34.51 15.82 1.70
CA PHE D 57 -35.24 14.67 2.15
C PHE D 57 -36.63 14.61 1.57
N PHE D 58 -37.18 15.76 1.20
CA PHE D 58 -38.60 15.83 0.86
C PHE D 58 -38.89 15.85 -0.62
N GLN D 59 -37.94 15.49 -1.45
CA GLN D 59 -38.13 15.71 -2.89
C GLN D 59 -38.75 14.55 -3.62
N TYR D 60 -38.80 13.39 -2.99
CA TYR D 60 -39.14 12.18 -3.70
C TYR D 60 -40.66 12.06 -3.88
N LEU D 61 -41.09 11.84 -5.11
CA LEU D 61 -42.52 11.82 -5.42
C LEU D 61 -43.03 10.44 -5.06
N PRO D 62 -44.25 10.32 -4.58
CA PRO D 62 -44.74 9.04 -4.10
C PRO D 62 -44.93 7.97 -5.17
N ASN D 63 -45.27 8.34 -6.40
CA ASN D 63 -45.46 7.29 -7.43
C ASN D 63 -44.19 6.68 -7.98
N THR D 64 -43.09 7.34 -7.71
CA THR D 64 -41.89 7.13 -8.44
C THR D 64 -40.79 6.66 -7.53
N SER D 65 -40.84 7.11 -6.28
CA SER D 65 -39.68 7.07 -5.40
C SER D 65 -38.44 7.70 -6.00
N MET D 66 -38.65 8.74 -6.81
CA MET D 66 -37.58 9.49 -7.44
C MET D 66 -37.89 10.94 -7.29
N SER D 67 -36.93 11.80 -7.60
CA SER D 67 -37.17 13.21 -7.68
C SER D 67 -37.93 13.49 -8.99
N PRO D 68 -38.41 14.71 -9.19
CA PRO D 68 -39.17 15.02 -10.39
C PRO D 68 -38.28 14.89 -11.59
N GLN D 69 -38.80 14.40 -12.71
CA GLN D 69 -37.94 14.28 -13.89
C GLN D 69 -38.29 15.33 -14.90
N PRO D 70 -37.37 15.53 -15.84
CA PRO D 70 -37.58 16.50 -16.90
C PRO D 70 -39.03 16.55 -17.34
N ARG D 71 -39.63 15.51 -17.91
CA ARG D 71 -41.04 15.69 -18.37
C ARG D 71 -42.05 15.99 -17.31
N GLU D 72 -41.69 15.82 -16.05
CA GLU D 72 -42.60 16.14 -14.94
C GLU D 72 -42.59 17.65 -14.72
N TRP D 73 -41.42 18.25 -14.71
CA TRP D 73 -41.31 19.66 -14.66
C TRP D 73 -42.10 20.36 -15.78
N PHE D 74 -42.28 19.70 -16.90
CA PHE D 74 -42.81 20.40 -18.05
C PHE D 74 -44.13 19.84 -18.49
N ALA D 75 -44.84 19.25 -17.54
CA ALA D 75 -46.11 18.64 -17.83
C ALA D 75 -47.05 19.69 -18.35
N ASP D 76 -47.09 20.86 -17.72
CA ASP D 76 -48.02 21.94 -18.10
C ASP D 76 -47.85 22.32 -19.59
N VAL D 77 -46.61 22.55 -20.00
CA VAL D 77 -46.34 23.10 -21.32
C VAL D 77 -46.81 22.21 -22.49
N GLU D 78 -47.53 22.85 -23.43
CA GLU D 78 -47.88 22.25 -24.72
C GLU D 78 -46.63 22.05 -25.57
N ASP D 79 -46.01 23.16 -25.95
CA ASP D 79 -44.82 23.18 -26.82
C ASP D 79 -43.99 21.86 -26.97
N GLN D 80 -44.35 21.04 -27.95
CA GLN D 80 -43.58 19.83 -28.21
C GLN D 80 -42.15 20.09 -28.68
N SER D 81 -41.74 21.34 -28.77
CA SER D 81 -40.35 21.62 -29.17
C SER D 81 -39.49 21.68 -27.92
N ILE D 82 -40.16 21.77 -26.77
CA ILE D 82 -39.51 21.66 -25.46
C ILE D 82 -39.30 20.19 -25.16
N LEU D 83 -40.42 19.45 -25.14
CA LEU D 83 -40.50 18.05 -24.82
C LEU D 83 -39.45 17.26 -25.51
N ARG D 84 -39.44 17.32 -26.83
CA ARG D 84 -38.38 16.70 -27.62
C ARG D 84 -37.00 16.82 -26.97
N LEU D 85 -36.79 17.85 -26.15
CA LEU D 85 -35.46 18.08 -25.58
C LEU D 85 -35.21 17.27 -24.30
N LEU D 86 -36.27 16.64 -23.80
CA LEU D 86 -36.28 16.06 -22.46
C LEU D 86 -36.21 14.52 -22.48
N ASP D 87 -35.28 13.96 -21.69
CA ASP D 87 -35.21 12.53 -21.51
C ASP D 87 -36.59 12.03 -21.22
N PRO D 88 -36.92 10.82 -21.59
CA PRO D 88 -38.29 10.31 -21.45
C PRO D 88 -38.51 9.84 -20.02
N LEU D 89 -39.77 9.74 -19.58
CA LEU D 89 -40.01 9.35 -18.19
C LEU D 89 -39.42 7.96 -17.92
N ILE D 90 -39.09 7.68 -16.67
CA ILE D 90 -38.95 6.31 -16.24
C ILE D 90 -39.94 6.14 -15.12
N GLU D 91 -40.09 4.93 -14.63
CA GLU D 91 -41.23 4.64 -13.79
C GLU D 91 -40.89 4.65 -12.33
N GLY D 92 -39.73 4.10 -11.98
CA GLY D 92 -39.40 3.79 -10.61
C GLY D 92 -40.46 2.94 -9.91
N LYS D 93 -40.77 3.29 -8.67
CA LYS D 93 -41.61 2.45 -7.86
C LYS D 93 -42.36 3.25 -6.83
N PRO D 94 -43.48 2.73 -6.40
CA PRO D 94 -44.28 3.39 -5.35
C PRO D 94 -43.45 3.50 -4.07
N ASP D 95 -43.56 4.60 -3.35
CA ASP D 95 -42.91 4.71 -2.08
C ASP D 95 -43.93 4.13 -1.12
N LEU D 96 -43.56 2.99 -0.53
CA LEU D 96 -44.47 2.26 0.37
C LEU D 96 -44.14 2.41 1.82
N ALA D 97 -43.26 3.36 2.13
CA ALA D 97 -42.92 3.58 3.51
C ALA D 97 -44.13 4.19 4.23
N PRO D 98 -44.57 3.58 5.29
CA PRO D 98 -45.52 4.26 6.20
C PRO D 98 -44.83 5.49 6.70
N ALA D 99 -45.61 6.51 7.04
CA ALA D 99 -45.07 7.81 7.40
C ALA D 99 -44.21 7.75 8.63
N THR D 100 -44.48 6.82 9.55
CA THR D 100 -43.76 6.87 10.80
C THR D 100 -42.33 6.44 10.55
N ILE D 101 -42.13 5.65 9.48
CA ILE D 101 -40.86 5.04 9.21
C ILE D 101 -40.04 6.03 8.43
N TRP D 102 -40.70 6.63 7.44
CA TRP D 102 -40.17 7.72 6.66
C TRP D 102 -39.63 8.72 7.68
N ARG D 103 -40.44 9.09 8.61
CA ARG D 103 -39.99 10.12 9.49
C ARG D 103 -38.78 9.67 10.36
N ASP D 104 -38.78 8.41 10.77
CA ASP D 104 -37.70 7.92 11.60
C ASP D 104 -36.45 7.97 10.82
N TYR D 105 -36.51 7.51 9.57
CA TYR D 105 -35.35 7.48 8.72
C TYR D 105 -34.81 8.89 8.54
N ILE D 106 -35.67 9.81 8.11
CA ILE D 106 -35.20 11.14 7.84
C ILE D 106 -34.56 11.71 9.09
N GLN D 107 -35.01 11.30 10.27
CA GLN D 107 -34.42 11.86 11.51
C GLN D 107 -33.09 11.21 11.79
N THR D 108 -32.93 9.97 11.43
CA THR D 108 -31.73 9.32 11.82
C THR D 108 -30.65 9.70 10.88
N VAL D 109 -30.90 9.43 9.61
CA VAL D 109 -29.98 9.79 8.54
C VAL D 109 -29.48 11.27 8.50
N GLY D 110 -30.30 12.25 8.84
CA GLY D 110 -29.86 13.63 8.76
C GLY D 110 -29.08 14.16 9.96
N ARG D 111 -28.85 13.35 10.99
CA ARG D 111 -28.20 13.88 12.19
C ARG D 111 -26.72 13.56 12.13
N THR D 112 -25.87 14.44 12.65
CA THR D 112 -24.52 14.01 13.03
C THR D 112 -24.50 13.43 14.46
N PRO D 113 -23.44 12.75 14.87
CA PRO D 113 -23.43 12.15 16.20
C PRO D 113 -23.75 13.16 17.26
N ASN D 114 -23.38 14.44 17.09
CA ASN D 114 -23.58 15.43 18.14
C ASN D 114 -25.04 15.80 18.31
N GLY D 115 -25.89 15.25 17.45
CA GLY D 115 -27.33 15.46 17.59
C GLY D 115 -27.98 16.47 16.67
N VAL D 116 -27.18 17.21 15.92
CA VAL D 116 -27.68 18.26 15.04
C VAL D 116 -28.16 17.67 13.72
N TRP D 117 -29.38 18.05 13.35
CA TRP D 117 -30.05 17.57 12.14
C TRP D 117 -30.07 18.66 11.09
N GLY D 118 -29.80 18.31 9.85
CA GLY D 118 -29.84 19.30 8.79
C GLY D 118 -30.72 18.81 7.68
N GLY D 119 -31.20 19.74 6.84
CA GLY D 119 -32.07 19.39 5.73
C GLY D 119 -32.34 20.55 4.82
N LYS D 120 -32.90 20.24 3.66
CA LYS D 120 -33.12 21.21 2.59
C LYS D 120 -34.55 21.04 2.21
N LEU D 121 -35.29 22.15 2.06
CA LEU D 121 -36.68 22.12 1.56
C LEU D 121 -36.89 23.19 0.48
N MET D 122 -37.54 22.81 -0.60
CA MET D 122 -37.78 23.66 -1.73
C MET D 122 -39.26 23.84 -1.74
N TRP D 123 -39.70 25.04 -2.11
CA TRP D 123 -41.11 25.39 -1.90
C TRP D 123 -41.98 24.47 -2.69
N ASN D 124 -41.51 24.03 -3.83
CA ASN D 124 -42.31 23.15 -4.66
C ASN D 124 -42.56 21.82 -3.99
N GLN D 125 -41.92 21.58 -2.84
CA GLN D 125 -41.97 20.29 -2.17
C GLN D 125 -42.80 20.33 -0.91
N THR D 126 -43.29 21.53 -0.56
CA THR D 126 -44.03 21.71 0.66
C THR D 126 -45.30 20.93 0.76
N PRO D 127 -46.02 20.72 -0.31
CA PRO D 127 -47.24 19.92 -0.16
C PRO D 127 -46.97 18.45 -0.18
N LEU D 128 -45.85 18.00 -0.72
CA LEU D 128 -45.47 16.63 -0.46
C LEU D 128 -45.27 16.49 1.04
N LEU D 129 -44.56 17.44 1.65
CA LEU D 129 -44.26 17.30 3.06
C LEU D 129 -45.57 17.24 3.83
N VAL D 130 -46.44 18.19 3.61
CA VAL D 130 -47.68 18.29 4.36
C VAL D 130 -48.48 17.06 4.14
N GLN D 131 -48.53 16.57 2.92
CA GLN D 131 -49.25 15.33 2.63
C GLN D 131 -48.78 14.13 3.40
N ARG D 132 -47.48 13.93 3.42
CA ARG D 132 -46.89 12.81 4.04
C ARG D 132 -47.08 12.89 5.52
N ALA D 133 -46.91 14.09 6.07
CA ALA D 133 -47.02 14.33 7.49
C ALA D 133 -48.40 14.07 7.97
N LYS D 134 -49.38 14.06 7.08
CA LYS D 134 -50.74 13.97 7.57
C LYS D 134 -50.94 12.69 8.30
N ASP D 135 -50.14 11.67 8.04
CA ASP D 135 -50.33 10.44 8.79
C ASP D 135 -49.48 10.23 10.01
N LEU D 136 -48.61 11.17 10.36
CA LEU D 136 -47.93 11.07 11.64
C LEU D 136 -48.96 11.04 12.80
N PRO D 137 -48.82 10.12 13.72
CA PRO D 137 -49.81 9.99 14.80
C PRO D 137 -49.78 11.18 15.77
N ASP D 138 -48.70 11.93 15.80
CA ASP D 138 -48.68 13.00 16.77
C ASP D 138 -48.90 14.36 16.12
N ARG D 139 -49.37 14.37 14.86
CA ARG D 139 -49.58 15.61 14.08
C ARG D 139 -50.01 16.66 15.07
N SER D 140 -49.44 17.85 15.00
CA SER D 140 -49.68 18.89 15.98
C SER D 140 -50.26 20.14 15.34
N GLY D 141 -50.83 20.01 14.17
CA GLY D 141 -51.36 21.16 13.50
C GLY D 141 -51.86 20.72 12.17
N SER D 142 -52.32 21.66 11.35
CA SER D 142 -52.75 21.31 10.00
C SER D 142 -51.80 21.80 8.89
N GLY D 143 -50.84 22.66 9.22
CA GLY D 143 -50.08 23.37 8.20
C GLY D 143 -48.61 22.99 7.95
N LEU D 144 -47.93 23.78 7.13
CA LEU D 144 -46.53 23.57 6.79
C LEU D 144 -45.65 23.71 8.00
N LEU D 145 -45.87 24.74 8.80
CA LEU D 145 -44.86 25.01 9.81
C LEU D 145 -44.89 23.91 10.86
N SER D 146 -46.07 23.40 11.16
CA SER D 146 -46.15 22.30 12.09
C SER D 146 -45.72 20.96 11.46
N ALA D 147 -45.89 20.81 10.16
CA ALA D 147 -45.49 19.57 9.52
C ALA D 147 -43.97 19.43 9.74
N ILE D 148 -43.29 20.55 9.63
CA ILE D 148 -41.85 20.57 9.70
C ILE D 148 -41.49 20.14 11.09
N ARG D 149 -42.11 20.75 12.10
CA ARG D 149 -41.79 20.48 13.51
C ARG D 149 -42.01 19.01 13.82
N ASP D 150 -43.14 18.48 13.39
CA ASP D 150 -43.46 17.08 13.63
C ASP D 150 -42.44 16.12 12.96
N VAL D 151 -42.00 16.41 11.72
CA VAL D 151 -41.17 15.48 11.00
C VAL D 151 -39.72 15.59 11.51
N VAL D 152 -39.33 16.76 11.99
CA VAL D 152 -37.97 16.99 12.35
C VAL D 152 -37.76 16.70 13.80
N GLY D 153 -38.84 16.63 14.56
CA GLY D 153 -38.78 16.48 16.01
C GLY D 153 -38.36 17.71 16.80
N SER D 154 -38.34 18.88 16.19
CA SER D 154 -38.04 20.10 16.94
C SER D 154 -38.27 21.31 16.04
N ASP D 155 -38.14 22.53 16.59
CA ASP D 155 -38.20 23.75 15.77
C ASP D 155 -36.82 24.13 15.22
N PRO D 156 -36.57 23.87 13.95
CA PRO D 156 -35.25 24.12 13.38
C PRO D 156 -35.03 25.58 13.15
N VAL D 157 -33.80 26.03 13.26
CA VAL D 157 -33.39 27.27 12.64
C VAL D 157 -33.81 27.26 11.17
N LEU D 158 -34.62 28.19 10.74
CA LEU D 158 -34.89 28.32 9.30
C LEU D 158 -33.96 29.30 8.65
N ILE D 159 -33.32 28.87 7.56
CA ILE D 159 -32.53 29.74 6.71
C ILE D 159 -33.11 29.79 5.31
N HIS D 160 -33.23 30.98 4.71
CA HIS D 160 -33.90 31.15 3.42
C HIS D 160 -33.00 31.77 2.37
N ILE D 161 -32.94 31.20 1.18
CA ILE D 161 -31.86 31.51 0.26
C ILE D 161 -32.40 31.75 -1.10
N HIS D 162 -32.27 32.97 -1.56
CA HIS D 162 -32.94 33.33 -2.77
C HIS D 162 -31.94 33.98 -3.67
N ARG D 163 -32.24 33.98 -4.95
CA ARG D 163 -31.29 34.34 -5.96
C ARG D 163 -32.03 35.28 -6.86
N PRO D 164 -31.68 36.57 -6.80
CA PRO D 164 -32.51 37.59 -7.43
C PRO D 164 -32.36 37.62 -8.95
N ASP D 165 -31.19 37.30 -9.50
CA ASP D 165 -31.14 37.11 -10.95
C ASP D 165 -31.86 35.84 -11.39
N VAL D 166 -33.18 35.93 -11.50
CA VAL D 166 -33.95 34.77 -11.85
C VAL D 166 -33.60 34.20 -13.20
N VAL D 167 -33.19 35.04 -14.15
CA VAL D 167 -32.81 34.56 -15.48
C VAL D 167 -31.55 33.69 -15.40
N SER D 168 -30.61 34.07 -14.54
CA SER D 168 -29.44 33.22 -14.31
C SER D 168 -29.83 31.88 -13.71
N GLN D 169 -30.62 31.93 -12.66
CA GLN D 169 -31.10 30.73 -12.02
C GLN D 169 -31.84 29.90 -13.01
N ALA D 170 -32.84 30.52 -13.67
CA ALA D 170 -33.67 29.77 -14.58
C ALA D 170 -32.83 29.06 -15.69
N VAL D 171 -31.87 29.75 -16.28
CA VAL D 171 -30.99 29.17 -17.28
C VAL D 171 -30.21 28.03 -16.70
N SER D 172 -29.82 28.15 -15.44
CA SER D 172 -29.17 27.03 -14.79
C SER D 172 -30.09 25.80 -14.75
N PHE D 173 -31.29 26.01 -14.25
CA PHE D 173 -32.28 24.97 -14.17
C PHE D 173 -32.52 24.31 -15.54
N TRP D 174 -32.61 25.11 -16.60
CA TRP D 174 -32.87 24.57 -17.92
C TRP D 174 -31.70 23.74 -18.43
N ARG D 175 -30.49 24.08 -18.04
CA ARG D 175 -29.36 23.21 -18.32
C ARG D 175 -29.47 21.92 -17.58
N ALA D 176 -29.60 22.03 -16.27
CA ALA D 176 -29.57 20.85 -15.42
C ALA D 176 -30.71 19.92 -15.77
N VAL D 177 -31.84 20.46 -16.16
CA VAL D 177 -32.93 19.56 -16.40
C VAL D 177 -32.75 18.86 -17.73
N GLN D 178 -31.82 19.37 -18.54
CA GLN D 178 -31.45 18.66 -19.76
C GLN D 178 -30.32 17.67 -19.56
N THR D 179 -29.27 18.05 -18.84
CA THR D 179 -28.17 17.15 -18.64
C THR D 179 -28.39 16.15 -17.52
N ARG D 180 -29.40 16.42 -16.67
CA ARG D 180 -29.66 15.58 -15.51
C ARG D 180 -28.61 15.85 -14.42
N VAL D 181 -27.83 16.92 -14.56
CA VAL D 181 -26.81 17.25 -13.57
C VAL D 181 -27.15 18.58 -12.90
N TRP D 182 -27.29 18.61 -11.58
CA TRP D 182 -27.75 19.79 -10.85
C TRP D 182 -26.70 20.41 -9.98
N ARG D 183 -25.46 20.05 -10.26
CA ARG D 183 -24.29 20.59 -9.58
C ARG D 183 -23.34 21.37 -10.54
N GLY D 184 -22.60 22.33 -9.98
CA GLY D 184 -21.59 23.11 -10.69
C GLY D 184 -21.84 23.34 -12.17
N ALA D 194 -26.93 20.07 -24.51
CA ALA D 194 -28.00 20.98 -24.08
C ALA D 194 -28.36 22.09 -25.06
N GLU D 195 -29.64 22.28 -25.29
CA GLU D 195 -30.13 23.21 -26.30
C GLU D 195 -30.96 24.41 -25.77
N TYR D 196 -30.47 25.65 -25.97
CA TYR D 196 -31.11 26.90 -25.51
C TYR D 196 -32.55 26.98 -26.04
N HIS D 197 -33.50 27.44 -25.23
CA HIS D 197 -34.91 27.46 -25.64
C HIS D 197 -35.73 28.53 -24.89
N ALA D 198 -36.17 29.55 -25.62
CA ALA D 198 -36.87 30.70 -25.05
C ALA D 198 -38.03 30.31 -24.17
N GLY D 199 -39.02 29.64 -24.78
CA GLY D 199 -40.26 29.33 -24.10
C GLY D 199 -39.94 28.50 -22.86
N ALA D 200 -38.84 27.75 -22.89
CA ALA D 200 -38.51 26.90 -21.76
C ALA D 200 -38.04 27.74 -20.59
N ILE D 201 -37.03 28.58 -20.83
CA ILE D 201 -36.50 29.43 -19.78
C ILE D 201 -37.66 30.27 -19.24
N ALA D 202 -38.46 30.81 -20.13
CA ALA D 202 -39.57 31.59 -19.65
C ALA D 202 -40.37 30.78 -18.62
N HIS D 203 -40.76 29.56 -18.99
CA HIS D 203 -41.64 28.76 -18.15
C HIS D 203 -40.95 28.50 -16.81
N VAL D 204 -39.64 28.27 -16.84
CA VAL D 204 -38.88 28.03 -15.62
C VAL D 204 -38.87 29.29 -14.76
N ILE D 205 -38.69 30.44 -15.41
CA ILE D 205 -38.57 31.68 -14.70
C ILE D 205 -39.82 31.87 -13.92
N THR D 206 -40.96 31.70 -14.58
CA THR D 206 -42.17 32.05 -13.92
C THR D 206 -42.47 31.09 -12.77
N MET D 207 -42.14 29.83 -12.94
CA MET D 207 -42.32 28.91 -11.85
C MET D 207 -41.32 29.13 -10.74
N LEU D 208 -40.10 29.54 -11.05
CA LEU D 208 -39.21 29.90 -9.96
C LEU D 208 -39.79 31.09 -9.23
N ARG D 209 -40.11 32.16 -9.94
CA ARG D 209 -40.79 33.31 -9.31
C ARG D 209 -42.01 32.87 -8.47
N ALA D 210 -42.78 31.91 -8.97
CA ALA D 210 -43.94 31.47 -8.18
C ALA D 210 -43.52 30.71 -6.91
N GLN D 211 -42.29 30.21 -6.88
CA GLN D 211 -41.79 29.56 -5.67
C GLN D 211 -41.47 30.58 -4.62
N GLU D 212 -40.71 31.59 -4.98
CA GLU D 212 -40.33 32.62 -4.04
C GLU D 212 -41.52 33.42 -3.45
N GLU D 213 -42.65 33.43 -4.15
CA GLU D 213 -43.80 34.13 -3.60
C GLU D 213 -44.49 33.23 -2.62
N GLY D 214 -44.29 31.93 -2.77
CA GLY D 214 -44.90 30.99 -1.84
C GLY D 214 -44.23 31.17 -0.51
N TRP D 215 -42.90 31.23 -0.58
CA TRP D 215 -42.09 31.45 0.60
C TRP D 215 -42.47 32.75 1.30
N ARG D 216 -42.44 33.86 0.56
CA ARG D 216 -42.55 35.17 1.18
C ARG D 216 -43.96 35.35 1.70
N ALA D 217 -44.89 34.64 1.11
CA ALA D 217 -46.24 34.72 1.59
C ALA D 217 -46.39 33.84 2.82
N TRP D 218 -45.72 32.69 2.83
CA TRP D 218 -45.82 31.78 3.97
C TRP D 218 -45.16 32.41 5.18
N PHE D 219 -44.12 33.18 4.95
CA PHE D 219 -43.43 33.80 6.04
C PHE D 219 -44.31 34.79 6.84
N THR D 220 -45.15 35.54 6.14
CA THR D 220 -46.03 36.45 6.82
C THR D 220 -47.28 35.72 7.27
N GLU D 221 -47.77 34.81 6.45
CA GLU D 221 -48.86 33.91 6.80
C GLU D 221 -48.64 33.18 8.17
N GLU D 222 -47.38 33.06 8.63
CA GLU D 222 -47.04 32.28 9.84
C GLU D 222 -46.09 33.01 10.78
N ASN D 223 -45.86 34.28 10.51
CA ASN D 223 -44.98 35.13 11.31
C ASN D 223 -43.65 34.44 11.67
N VAL D 224 -42.98 33.84 10.69
CA VAL D 224 -41.61 33.39 10.88
C VAL D 224 -40.68 34.30 10.16
N GLU D 225 -39.44 34.36 10.64
CA GLU D 225 -38.44 35.24 10.07
C GLU D 225 -37.15 34.47 10.04
N PRO D 226 -36.84 33.91 8.88
CA PRO D 226 -35.68 33.05 8.75
C PRO D 226 -34.46 33.92 8.70
N ILE D 227 -33.31 33.32 8.90
CA ILE D 227 -32.09 33.92 8.43
C ILE D 227 -32.25 33.99 6.93
N ASP D 228 -32.35 35.18 6.40
CA ASP D 228 -32.44 35.38 4.99
C ASP D 228 -31.06 35.73 4.51
N VAL D 229 -30.56 35.04 3.50
CA VAL D 229 -29.33 35.43 2.84
C VAL D 229 -29.59 35.27 1.36
N ASP D 230 -28.80 35.94 0.51
CA ASP D 230 -29.05 35.91 -0.93
C ASP D 230 -27.85 35.37 -1.66
N TYR D 231 -28.09 34.83 -2.84
CA TYR D 231 -27.03 34.10 -3.54
C TYR D 231 -25.72 34.90 -3.69
N PRO D 232 -25.74 36.05 -4.40
CA PRO D 232 -24.54 36.90 -4.54
C PRO D 232 -23.73 37.03 -3.25
N TYR D 233 -24.41 37.44 -2.19
CA TYR D 233 -23.81 37.53 -0.88
C TYR D 233 -23.19 36.20 -0.49
N LEU D 234 -23.99 35.15 -0.58
CA LEU D 234 -23.62 33.83 -0.06
C LEU D 234 -22.37 33.26 -0.73
N TRP D 235 -22.26 33.45 -2.03
CA TRP D 235 -21.21 32.75 -2.77
C TRP D 235 -19.91 33.46 -2.54
N ARG D 236 -19.98 34.76 -2.38
CA ARG D 236 -18.82 35.54 -2.03
C ARG D 236 -18.51 35.42 -0.53
N ASN D 237 -19.53 35.13 0.28
CA ASN D 237 -19.35 35.20 1.74
C ASN D 237 -19.56 33.93 2.59
N LEU D 238 -19.51 32.75 1.97
CA LEU D 238 -19.82 31.49 2.65
C LEU D 238 -19.37 31.53 4.11
N THR D 239 -18.05 31.51 4.31
CA THR D 239 -17.44 31.39 5.61
C THR D 239 -18.15 32.21 6.69
N GLU D 240 -18.57 33.40 6.35
CA GLU D 240 -19.32 34.15 7.33
C GLU D 240 -20.67 33.45 7.56
N VAL D 241 -21.39 33.17 6.48
CA VAL D 241 -22.75 32.67 6.58
C VAL D 241 -22.81 31.32 7.32
N VAL D 242 -21.90 30.41 6.95
CA VAL D 242 -21.78 29.14 7.64
C VAL D 242 -21.68 29.36 9.17
N GLY D 243 -20.59 29.98 9.58
CA GLY D 243 -20.34 30.27 10.99
C GLY D 243 -21.50 30.97 11.67
N THR D 244 -22.34 31.62 10.89
CA THR D 244 -23.53 32.20 11.47
C THR D 244 -24.53 31.10 11.77
N VAL D 245 -24.67 30.17 10.84
CA VAL D 245 -25.69 29.13 10.98
C VAL D 245 -25.24 28.29 12.17
N LEU D 246 -23.96 27.87 12.13
CA LEU D 246 -23.34 27.17 13.25
C LEU D 246 -23.60 27.89 14.53
N GLU D 247 -23.28 29.17 14.57
CA GLU D 247 -23.49 29.92 15.79
C GLU D 247 -24.91 29.60 16.22
N ALA D 248 -25.88 29.92 15.37
CA ALA D 248 -27.29 29.69 15.69
C ALA D 248 -27.61 28.29 16.21
N LEU D 249 -27.04 27.25 15.62
CA LEU D 249 -27.25 25.92 16.19
C LEU D 249 -26.14 25.53 17.15
N GLY D 250 -25.81 26.46 18.06
CA GLY D 250 -24.94 26.21 19.21
C GLY D 250 -23.53 25.68 18.96
N GLN D 251 -23.08 25.75 17.72
CA GLN D 251 -21.80 25.18 17.34
C GLN D 251 -20.75 26.26 17.33
N ASP D 252 -19.50 25.84 17.24
CA ASP D 252 -18.37 26.75 17.23
C ASP D 252 -18.22 27.39 15.85
N PRO D 253 -18.40 28.70 15.78
CA PRO D 253 -18.43 29.41 14.49
C PRO D 253 -17.12 29.25 13.76
N ARG D 254 -16.06 28.95 14.50
CA ARG D 254 -14.72 28.96 13.95
C ARG D 254 -14.49 27.66 13.23
N LEU D 255 -15.55 26.86 13.13
CA LEU D 255 -15.47 25.53 12.53
C LEU D 255 -15.78 25.58 11.04
N ALA D 256 -16.06 26.77 10.53
CA ALA D 256 -16.46 26.96 9.13
C ALA D 256 -15.30 26.75 8.18
N PRO D 257 -15.46 25.90 7.16
CA PRO D 257 -14.48 25.82 6.07
C PRO D 257 -14.09 27.24 5.59
N LYS D 258 -12.79 27.50 5.44
CA LYS D 258 -12.29 28.84 5.15
C LYS D 258 -12.16 29.10 3.63
N PRO D 259 -12.40 30.34 3.20
CA PRO D 259 -12.65 30.68 1.78
C PRO D 259 -11.90 29.82 0.78
N SER D 269 -19.81 32.87 -16.74
CA SER D 269 -21.20 33.28 -16.90
C SER D 269 -21.81 32.80 -18.22
N ASP D 270 -23.09 32.40 -18.15
CA ASP D 270 -23.72 31.68 -19.24
C ASP D 270 -24.20 32.57 -20.39
N GLU D 271 -23.72 32.29 -21.60
CA GLU D 271 -24.17 33.07 -22.76
C GLU D 271 -25.69 33.18 -22.83
N TRP D 272 -26.38 32.12 -22.40
CA TRP D 272 -27.84 32.01 -22.51
C TRP D 272 -28.55 33.09 -21.71
N VAL D 273 -27.89 33.60 -20.67
CA VAL D 273 -28.47 34.67 -19.84
C VAL D 273 -28.62 35.90 -20.72
N GLU D 274 -27.47 36.37 -21.24
CA GLU D 274 -27.45 37.51 -22.14
C GLU D 274 -28.54 37.35 -23.19
N ARG D 275 -28.57 36.16 -23.79
CA ARG D 275 -29.37 35.88 -24.96
C ARG D 275 -30.85 35.78 -24.66
N TYR D 276 -31.20 35.09 -23.58
CA TYR D 276 -32.62 35.03 -23.22
C TYR D 276 -33.11 36.40 -22.91
N ARG D 277 -32.30 37.19 -22.18
CA ARG D 277 -32.68 38.54 -21.73
C ARG D 277 -33.08 39.41 -22.93
N ARG D 278 -32.17 39.43 -23.88
CA ARG D 278 -32.33 39.91 -25.23
C ARG D 278 -33.64 39.48 -25.87
N ASP D 279 -33.80 38.17 -26.05
CA ASP D 279 -34.99 37.57 -26.64
C ASP D 279 -36.23 37.96 -25.87
N ALA D 280 -36.06 38.24 -24.59
CA ALA D 280 -37.20 38.58 -23.76
C ALA D 280 -37.73 39.94 -24.18
N GLN D 281 -36.83 40.92 -24.21
CA GLN D 281 -37.17 42.22 -24.70
C GLN D 281 -37.98 42.15 -25.99
N ARG D 282 -37.57 41.32 -26.94
CA ARG D 282 -38.22 41.26 -28.25
C ARG D 282 -39.61 40.61 -28.26
N ASP D 283 -39.75 39.46 -27.60
CA ASP D 283 -41.01 38.75 -27.72
C ASP D 283 -41.88 38.89 -26.52
N GLY D 284 -41.43 39.70 -25.56
CA GLY D 284 -42.25 40.06 -24.41
C GLY D 284 -42.38 38.87 -23.48
N LEU D 285 -41.26 38.51 -22.87
CA LEU D 285 -41.09 37.23 -22.18
C LEU D 285 -40.68 37.46 -20.72
N PRO D 286 -41.10 36.56 -19.82
CA PRO D 286 -41.05 36.84 -18.38
C PRO D 286 -39.64 37.18 -17.96
N LEU D 287 -39.51 38.00 -16.94
CA LEU D 287 -38.20 38.41 -16.50
C LEU D 287 -37.96 38.19 -15.02
#